data_3WBK
#
_entry.id   3WBK
#
_cell.length_a   101.939
_cell.length_b   120.942
_cell.length_c   132.750
_cell.angle_alpha   90.000
_cell.angle_beta   90.000
_cell.angle_gamma   90.000
#
_symmetry.space_group_name_H-M   'P 21 21 21'
#
loop_
_entity.id
_entity.type
_entity.pdbx_description
1 polymer 'Eukaryotic translation initiation factor 5B'
2 polymer 'Eukaryotic translation initiation factor 1A'
#
loop_
_entity_poly.entity_id
_entity_poly.type
_entity_poly.pdbx_seq_one_letter_code
_entity_poly.pdbx_strand_id
1 'polypeptide(L)'
;GSHMKDLRSPICCILGHVDTGKTKLLDKIRQTNVQGGEAGGITQQIGATYFPIDAIKAKTKVMAEYEKQTFDVPGLLVID
TPGHESFSNLRSRGSSLCNIAILVIDIMHGLEQQTIESIKLLRDRKAPFVVALNKIDRLYDWKAIPNNSFRDSFAKQSRA
VQEEFQSRYSKIQLELAEQGLNSELYFQNKNMSKYVSIVPTSAVTGEGVPDLLWLLLELTQKRMSKQLMYLSHVEATILE
VKVVEGFGTTIDVILSNGYLREGDRIVLCGMNGPIVTNIRALLTPQPLRELRLKSEYVHHKEVKAALGVKIAANDLEKAV
SGSRLLVVGPEDDEDELMDDVMDDLTGLLDSVDTTGKGVVVQASTLGSLEALLDFLKDMKIPVMSIGLGPVYKRDVMKAS
TMLEKAPEYAVMLCFDVKVDKEAEQYAEQEGIKIFNADVIYHLFDSFTAYQEKLLEERRKDFLDYAIFPCVLQTLQIINK
RGPMIIGVDVLEGTLRVGTPICAVKTDPTTKERQTLILGKVISLEINHQPVQEVKKGQTAAGVAVRLEDPSGQQPIWGRH
VDENDTLYSLVSRRSIDTLKDKAFRDQVARSDWLLLKKLKVVFGIE
;
A,B
2 'polypeptide(L)'
;GSHMIYKEEGQEYAQITKMLGNGRVEASCFDGNKRMAHIRGKLRKKVWMGQGDIILVSLRDFQDDQCDVVHKYNLDEART
LKNQGELPENAKINETDNFGFESDEDVNFEFGNADEDDEEGEDEELDIDDI
;
C
#
# COMPACT_ATOMS: atom_id res chain seq x y z
N ASP A 6 -33.89 -14.56 6.50
CA ASP A 6 -34.01 -13.08 6.39
C ASP A 6 -32.74 -12.42 6.94
N LEU A 7 -31.62 -12.64 6.25
CA LEU A 7 -30.30 -12.14 6.69
C LEU A 7 -30.16 -10.61 6.62
N ARG A 8 -29.05 -10.13 7.18
CA ARG A 8 -28.84 -8.71 7.49
C ARG A 8 -28.95 -7.70 6.34
N SER A 9 -29.57 -6.56 6.67
CA SER A 9 -29.69 -5.38 5.78
C SER A 9 -28.34 -4.88 5.23
N PRO A 10 -28.30 -4.52 3.92
CA PRO A 10 -27.07 -3.87 3.46
C PRO A 10 -26.91 -2.49 4.09
N ILE A 11 -25.65 -2.09 4.29
CA ILE A 11 -25.31 -0.83 4.93
C ILE A 11 -24.74 0.14 3.87
N CYS A 12 -25.30 1.35 3.81
CA CYS A 12 -24.92 2.35 2.80
C CYS A 12 -24.49 3.67 3.39
N CYS A 13 -23.27 4.08 3.04
CA CYS A 13 -22.69 5.33 3.51
C CYS A 13 -22.71 6.37 2.43
N ILE A 14 -23.34 7.48 2.73
CA ILE A 14 -23.47 8.48 1.73
C ILE A 14 -22.54 9.58 2.14
N LEU A 15 -21.59 9.93 1.29
CA LEU A 15 -20.76 11.04 1.67
C LEU A 15 -20.62 12.06 0.61
N GLY A 16 -20.65 13.31 1.03
CA GLY A 16 -20.38 14.43 0.13
C GLY A 16 -20.22 15.76 0.83
N HIS A 17 -19.56 16.72 0.20
CA HIS A 17 -19.52 18.07 0.75
C HIS A 17 -20.88 18.72 0.68
N VAL A 18 -21.18 19.54 1.70
CA VAL A 18 -22.43 20.31 1.81
C VAL A 18 -22.86 20.92 0.46
N ASP A 19 -21.90 21.52 -0.24
CA ASP A 19 -22.16 22.19 -1.51
C ASP A 19 -22.84 21.25 -2.49
N THR A 20 -22.41 19.99 -2.51
CA THR A 20 -22.93 19.02 -3.48
C THR A 20 -24.43 18.81 -3.31
N GLY A 21 -24.95 19.20 -2.15
CA GLY A 21 -26.35 19.02 -1.80
C GLY A 21 -26.58 17.70 -1.08
N LYS A 22 -25.50 17.13 -0.55
CA LYS A 22 -25.58 15.77 0.01
C LYS A 22 -26.60 15.63 1.13
N THR A 23 -26.70 16.64 2.00
CA THR A 23 -27.63 16.59 3.13
C THR A 23 -29.06 16.78 2.67
N LYS A 24 -29.28 17.68 1.71
CA LYS A 24 -30.60 17.83 1.12
C LYS A 24 -31.04 16.53 0.45
N LEU A 25 -30.09 15.79 -0.11
CA LEU A 25 -30.38 14.56 -0.81
C LEU A 25 -30.88 13.52 0.17
N LEU A 26 -30.20 13.43 1.31
CA LEU A 26 -30.54 12.44 2.33
C LEU A 26 -31.93 12.72 2.86
N ASP A 27 -32.22 13.99 3.12
CA ASP A 27 -33.55 14.40 3.55
C ASP A 27 -34.62 14.01 2.56
N LYS A 28 -34.31 14.20 1.28
CA LYS A 28 -35.26 13.83 0.25
C LYS A 28 -35.38 12.31 0.16
N ILE A 29 -34.27 11.61 0.36
CA ILE A 29 -34.30 10.17 0.45
C ILE A 29 -35.27 9.69 1.54
N ARG A 30 -35.19 10.28 2.74
CA ARG A 30 -36.02 9.87 3.89
C ARG A 30 -37.52 10.11 3.70
N GLN A 31 -37.88 11.32 3.28
CA GLN A 31 -39.23 11.66 2.75
C GLN A 31 -40.49 11.22 3.49
N THR A 32 -40.60 11.51 4.78
CA THR A 32 -41.81 11.12 5.50
C THR A 32 -42.97 12.05 5.16
N ASN A 33 -44.18 11.49 5.14
CA ASN A 33 -45.38 12.26 4.83
C ASN A 33 -46.68 11.68 5.39
N ALA A 39 -49.43 3.85 9.56
CA ALA A 39 -48.15 4.44 9.17
C ALA A 39 -47.07 4.21 10.25
N GLY A 40 -46.34 3.10 10.10
CA GLY A 40 -45.25 2.75 11.02
C GLY A 40 -44.16 3.81 11.07
N GLY A 41 -43.86 4.40 9.92
CA GLY A 41 -42.88 5.49 9.82
C GLY A 41 -41.45 5.07 9.54
N ILE A 42 -40.70 5.94 8.84
CA ILE A 42 -39.27 5.76 8.58
C ILE A 42 -38.52 5.76 9.88
N THR A 43 -37.50 4.93 9.99
CA THR A 43 -36.82 4.84 11.27
C THR A 43 -35.58 5.74 11.32
N GLN A 44 -35.66 6.78 12.14
CA GLN A 44 -34.52 7.65 12.40
C GLN A 44 -33.73 7.14 13.61
N GLN A 45 -33.05 6.02 13.40
CA GLN A 45 -32.17 5.35 14.37
C GLN A 45 -30.94 6.19 14.73
N ILE A 46 -30.38 5.89 15.89
CA ILE A 46 -29.27 6.66 16.39
C ILE A 46 -28.07 6.45 15.48
N GLY A 47 -27.60 7.57 14.94
CA GLY A 47 -26.50 7.61 13.99
C GLY A 47 -26.76 6.95 12.65
N ALA A 48 -28.02 6.73 12.30
CA ALA A 48 -28.32 6.13 10.99
C ALA A 48 -29.79 6.12 10.69
N THR A 49 -30.14 6.07 9.42
CA THR A 49 -31.53 5.99 9.02
C THR A 49 -31.84 4.61 8.48
N TYR A 50 -32.93 4.02 8.95
CA TYR A 50 -33.26 2.67 8.51
C TYR A 50 -34.44 2.65 7.53
N PHE A 51 -34.23 1.96 6.41
CA PHE A 51 -35.27 1.82 5.38
C PHE A 51 -35.81 0.39 5.35
N PRO A 52 -37.04 0.19 5.82
CA PRO A 52 -37.64 -1.14 5.74
C PRO A 52 -37.92 -1.49 4.27
N ILE A 53 -37.67 -2.73 3.86
CA ILE A 53 -37.89 -3.16 2.46
C ILE A 53 -39.23 -2.68 1.89
N ASP A 54 -40.28 -2.75 2.69
CA ASP A 54 -41.57 -2.19 2.31
C ASP A 54 -41.44 -0.76 1.75
N ALA A 55 -40.83 0.12 2.55
CA ALA A 55 -40.68 1.50 2.15
C ALA A 55 -39.90 1.62 0.85
N ILE A 56 -38.80 0.86 0.75
CA ILE A 56 -37.98 0.76 -0.47
C ILE A 56 -38.84 0.38 -1.70
N LYS A 57 -39.64 -0.67 -1.59
CA LYS A 57 -40.54 -1.08 -2.67
C LYS A 57 -41.43 0.10 -3.03
N ALA A 58 -42.00 0.75 -2.02
CA ALA A 58 -42.89 1.88 -2.24
C ALA A 58 -42.16 3.03 -2.95
N LYS A 59 -40.94 3.32 -2.50
CA LYS A 59 -40.13 4.38 -3.11
C LYS A 59 -39.77 4.05 -4.55
N THR A 60 -39.51 2.78 -4.82
CA THR A 60 -38.97 2.33 -6.12
C THR A 60 -40.00 1.76 -7.07
N LYS A 61 -41.28 1.89 -6.71
CA LYS A 61 -42.36 1.39 -7.57
C LYS A 61 -42.14 1.88 -8.99
N VAL A 62 -41.79 3.16 -9.12
CA VAL A 62 -41.73 3.78 -10.42
C VAL A 62 -40.61 3.16 -11.25
N MET A 63 -39.68 2.47 -10.61
CA MET A 63 -38.59 1.76 -11.33
C MET A 63 -39.04 0.55 -12.14
N ALA A 64 -40.26 0.09 -11.87
CA ALA A 64 -40.84 -1.06 -12.57
C ALA A 64 -40.86 -0.85 -14.09
N GLU A 65 -41.07 0.41 -14.49
CA GLU A 65 -40.99 0.87 -15.88
C GLU A 65 -39.77 0.34 -16.63
N TYR A 66 -38.63 0.22 -15.93
CA TYR A 66 -37.34 0.05 -16.60
C TYR A 66 -36.55 -1.22 -16.22
N GLU A 67 -36.79 -1.73 -15.02
CA GLU A 67 -35.94 -2.79 -14.49
C GLU A 67 -36.69 -3.85 -13.72
N LYS A 68 -36.10 -5.06 -13.73
CA LYS A 68 -36.49 -6.17 -12.88
C LYS A 68 -36.32 -5.77 -11.42
N GLN A 69 -37.34 -5.98 -10.61
CA GLN A 69 -37.25 -5.66 -9.20
C GLN A 69 -37.07 -6.92 -8.35
N THR A 70 -36.06 -6.91 -7.49
CA THR A 70 -35.80 -7.99 -6.54
C THR A 70 -35.76 -7.46 -5.11
N PHE A 71 -36.39 -8.20 -4.21
CA PHE A 71 -36.43 -7.85 -2.79
C PHE A 71 -36.08 -9.05 -1.92
N ASP A 72 -34.79 -9.38 -1.88
CA ASP A 72 -34.29 -10.49 -1.07
C ASP A 72 -33.73 -10.06 0.31
N VAL A 73 -33.87 -8.77 0.64
CA VAL A 73 -33.36 -8.22 1.92
C VAL A 73 -34.46 -7.54 2.75
N PRO A 74 -34.28 -7.52 4.09
CA PRO A 74 -35.26 -6.96 5.02
C PRO A 74 -35.46 -5.46 4.88
N GLY A 75 -34.47 -4.80 4.27
CA GLY A 75 -34.41 -3.34 4.21
C GLY A 75 -32.98 -2.82 4.11
N LEU A 76 -32.82 -1.54 4.43
CA LEU A 76 -31.58 -0.84 4.17
C LEU A 76 -31.18 0.06 5.31
N LEU A 77 -29.88 0.14 5.50
CA LEU A 77 -29.29 0.98 6.53
C LEU A 77 -28.41 2.05 5.87
N VAL A 78 -28.75 3.32 6.10
CA VAL A 78 -27.97 4.42 5.54
C VAL A 78 -27.30 5.27 6.61
N ILE A 79 -26.01 5.52 6.45
CA ILE A 79 -25.28 6.41 7.36
C ILE A 79 -24.91 7.70 6.63
N ASP A 80 -25.48 8.81 7.12
CA ASP A 80 -25.40 10.11 6.45
C ASP A 80 -24.02 10.74 6.47
N THR A 81 -23.36 10.66 7.63
CA THR A 81 -22.20 11.51 7.91
C THR A 81 -20.96 11.23 7.07
N PRO A 82 -20.24 12.32 6.68
CA PRO A 82 -18.92 12.23 6.07
C PRO A 82 -17.88 11.88 7.13
N GLY A 83 -18.01 12.49 8.31
CA GLY A 83 -17.18 12.14 9.46
C GLY A 83 -17.33 10.67 9.78
N HIS A 84 -18.57 10.22 9.97
CA HIS A 84 -18.83 8.81 10.23
C HIS A 84 -18.55 7.93 9.00
N GLU A 85 -18.39 8.55 7.84
CA GLU A 85 -17.90 7.85 6.63
C GLU A 85 -16.38 7.70 6.75
N SER A 86 -15.75 8.71 7.35
CA SER A 86 -14.38 8.65 7.84
C SER A 86 -14.34 7.59 8.96
N PHE A 87 -15.32 7.66 9.87
CA PHE A 87 -15.43 6.70 10.98
C PHE A 87 -15.85 5.31 10.52
N SER A 88 -16.74 5.22 9.53
CA SER A 88 -17.05 3.95 8.88
C SER A 88 -15.80 3.44 8.18
N ASN A 89 -14.95 4.39 7.76
CA ASN A 89 -13.61 4.09 7.26
C ASN A 89 -12.62 3.96 8.40
N LEU A 90 -13.10 4.24 9.62
CA LEU A 90 -12.35 4.06 10.87
C LEU A 90 -12.07 2.59 11.22
N ARG A 91 -13.08 1.74 11.09
CA ARG A 91 -12.87 0.29 11.12
C ARG A 91 -11.89 -0.06 9.96
N SER A 92 -12.16 0.56 8.80
CA SER A 92 -11.28 0.55 7.63
C SER A 92 -10.99 -0.83 7.04
N ARG A 93 -9.70 -1.10 6.78
CA ARG A 93 -9.31 -2.33 6.11
C ARG A 93 -9.69 -3.60 6.91
N GLY A 94 -9.43 -3.57 8.22
CA GLY A 94 -9.72 -4.71 9.10
C GLY A 94 -11.22 -5.05 9.11
N SER A 95 -12.04 -4.01 9.20
CA SER A 95 -13.49 -4.17 9.12
C SER A 95 -14.05 -3.17 8.12
N SER A 96 -14.81 -3.65 7.15
CA SER A 96 -15.51 -2.77 6.23
C SER A 96 -16.89 -2.48 6.81
N LEU A 97 -17.17 -1.20 6.98
CA LEU A 97 -18.33 -0.79 7.75
C LEU A 97 -19.57 -0.69 6.86
N CYS A 98 -19.39 -0.15 5.66
CA CYS A 98 -20.47 -0.06 4.69
C CYS A 98 -20.31 -1.13 3.65
N ASN A 99 -21.42 -1.71 3.25
CA ASN A 99 -21.39 -2.62 2.13
C ASN A 99 -21.18 -1.85 0.82
N ILE A 100 -21.62 -0.60 0.79
CA ILE A 100 -21.40 0.30 -0.36
C ILE A 100 -21.43 1.81 0.01
N ALA A 101 -20.80 2.64 -0.84
CA ALA A 101 -20.85 4.11 -0.68
C ALA A 101 -21.56 4.82 -1.81
N ILE A 102 -22.26 5.89 -1.48
CA ILE A 102 -22.90 6.77 -2.45
C ILE A 102 -22.18 8.11 -2.45
N LEU A 103 -21.38 8.32 -3.49
CA LEU A 103 -20.55 9.51 -3.63
C LEU A 103 -21.37 10.57 -4.35
N VAL A 104 -21.56 11.73 -3.70
CA VAL A 104 -22.38 12.81 -4.27
C VAL A 104 -21.55 13.85 -5.02
N ILE A 105 -21.92 14.14 -6.27
CA ILE A 105 -21.23 15.18 -7.05
C ILE A 105 -22.21 16.17 -7.70
N ASP A 106 -21.87 17.46 -7.63
CA ASP A 106 -22.69 18.55 -8.18
C ASP A 106 -22.57 18.63 -9.70
N ILE A 107 -23.68 18.38 -10.41
CA ILE A 107 -23.67 18.33 -11.87
C ILE A 107 -23.20 19.64 -12.50
N MET A 108 -23.63 20.74 -11.92
CA MET A 108 -23.20 22.05 -12.39
C MET A 108 -21.69 22.30 -12.24
N HIS A 109 -21.03 21.62 -11.30
CA HIS A 109 -19.67 21.97 -10.88
C HIS A 109 -18.59 20.98 -11.18
N GLY A 110 -19.00 19.76 -11.52
CA GLY A 110 -18.06 18.66 -11.74
C GLY A 110 -17.25 18.28 -10.51
N LEU A 111 -16.11 17.64 -10.73
CA LEU A 111 -15.29 17.15 -9.62
C LEU A 111 -14.69 18.30 -8.87
N GLU A 112 -14.82 18.31 -7.55
CA GLU A 112 -14.25 19.40 -6.76
C GLU A 112 -13.24 18.79 -5.81
N GLN A 113 -12.40 19.61 -5.20
CA GLN A 113 -11.20 19.09 -4.53
C GLN A 113 -11.54 17.90 -3.66
N GLN A 114 -12.53 18.10 -2.78
CA GLN A 114 -12.96 17.08 -1.82
C GLN A 114 -13.38 15.78 -2.49
N THR A 115 -14.11 15.91 -3.60
CA THR A 115 -14.59 14.78 -4.37
C THR A 115 -13.41 13.93 -4.86
N ILE A 116 -12.36 14.61 -5.30
CA ILE A 116 -11.10 13.96 -5.68
C ILE A 116 -10.62 13.07 -4.54
N GLU A 117 -10.53 13.68 -3.35
CA GLU A 117 -10.04 13.01 -2.17
C GLU A 117 -10.89 11.79 -1.81
N SER A 118 -12.20 12.00 -1.71
CA SER A 118 -13.15 10.94 -1.42
C SER A 118 -12.97 9.76 -2.35
N ILE A 119 -12.74 10.04 -3.63
CA ILE A 119 -12.44 8.98 -4.63
C ILE A 119 -11.19 8.22 -4.21
N LYS A 120 -10.11 8.94 -3.91
CA LYS A 120 -8.86 8.27 -3.57
C LYS A 120 -9.07 7.42 -2.33
N LEU A 121 -9.77 8.01 -1.36
CA LEU A 121 -10.13 7.36 -0.10
C LEU A 121 -10.89 6.04 -0.31
N LEU A 122 -11.95 6.07 -1.11
CA LEU A 122 -12.68 4.85 -1.45
C LEU A 122 -11.83 3.84 -2.22
N ARG A 123 -11.02 4.32 -3.16
CA ARG A 123 -10.14 3.47 -3.98
C ARG A 123 -8.96 2.97 -3.15
N ASP A 124 -8.96 3.29 -1.86
CA ASP A 124 -7.92 2.83 -0.95
C ASP A 124 -8.41 1.64 -0.12
N ARG A 125 -9.64 1.73 0.35
CA ARG A 125 -10.25 0.65 1.12
C ARG A 125 -10.75 -0.46 0.20
N LYS A 126 -10.61 -0.26 -1.11
CA LYS A 126 -11.28 -1.09 -2.14
C LYS A 126 -12.80 -1.12 -2.01
N ALA A 127 -13.37 -0.10 -1.35
CA ALA A 127 -14.80 -0.06 -1.05
C ALA A 127 -15.61 0.30 -2.29
N PRO A 128 -16.63 -0.52 -2.62
CA PRO A 128 -17.47 -0.31 -3.79
C PRO A 128 -18.41 0.88 -3.61
N PHE A 129 -18.63 1.61 -4.69
CA PHE A 129 -19.45 2.80 -4.64
C PHE A 129 -20.17 3.12 -5.93
N VAL A 130 -21.22 3.90 -5.77
CA VAL A 130 -22.02 4.40 -6.85
C VAL A 130 -21.92 5.91 -6.76
N VAL A 131 -22.15 6.63 -7.86
CA VAL A 131 -22.10 8.08 -7.81
C VAL A 131 -23.45 8.69 -8.06
N ALA A 132 -23.93 9.47 -7.08
CA ALA A 132 -25.11 10.32 -7.29
C ALA A 132 -24.73 11.68 -7.93
N LEU A 133 -25.07 11.80 -9.21
CA LEU A 133 -24.88 13.01 -9.96
C LEU A 133 -26.05 13.96 -9.63
N ASN A 134 -25.88 14.76 -8.60
CA ASN A 134 -26.96 15.51 -8.02
C ASN A 134 -27.15 16.83 -8.75
N LYS A 135 -28.25 17.52 -8.42
CA LYS A 135 -28.55 18.92 -8.80
C LYS A 135 -29.11 19.10 -10.20
N ILE A 136 -29.59 18.01 -10.79
CA ILE A 136 -30.10 18.06 -12.15
C ILE A 136 -31.25 19.01 -12.32
N ASP A 137 -31.89 19.39 -11.22
CA ASP A 137 -32.96 20.39 -11.29
C ASP A 137 -32.47 21.73 -11.81
N ARG A 138 -31.16 21.94 -11.73
CA ARG A 138 -30.56 23.18 -12.23
C ARG A 138 -30.22 23.22 -13.73
N LEU A 139 -30.44 22.10 -14.42
CA LEU A 139 -30.46 22.12 -15.86
C LEU A 139 -31.35 23.28 -16.32
N TYR A 140 -30.88 24.00 -17.33
CA TYR A 140 -31.37 25.33 -17.61
C TYR A 140 -32.86 25.36 -17.99
N ASP A 141 -33.30 24.32 -18.67
CA ASP A 141 -34.68 24.23 -19.09
C ASP A 141 -35.34 22.95 -18.55
N TRP A 142 -34.87 22.46 -17.41
CA TRP A 142 -35.39 21.22 -16.81
C TRP A 142 -36.84 21.38 -16.41
N LYS A 143 -37.64 20.39 -16.73
CA LYS A 143 -39.04 20.37 -16.33
C LYS A 143 -39.31 19.21 -15.39
N ALA A 144 -39.53 19.53 -14.11
CA ALA A 144 -39.52 18.55 -13.02
C ALA A 144 -40.78 17.69 -12.89
N ILE A 145 -40.57 16.40 -12.59
CA ILE A 145 -41.63 15.41 -12.34
C ILE A 145 -41.38 14.72 -11.00
N PRO A 146 -41.80 15.37 -9.88
CA PRO A 146 -41.24 15.02 -8.56
C PRO A 146 -41.26 13.54 -8.28
N ASN A 147 -40.17 13.07 -7.67
CA ASN A 147 -40.01 11.67 -7.30
C ASN A 147 -40.04 10.64 -8.44
N ASN A 148 -39.99 11.12 -9.70
CA ASN A 148 -39.98 10.22 -10.87
C ASN A 148 -38.67 9.45 -10.99
N SER A 149 -38.64 8.42 -11.83
CA SER A 149 -37.35 7.78 -12.13
C SER A 149 -36.61 8.71 -13.08
N PHE A 150 -35.29 8.62 -13.15
CA PHE A 150 -34.56 9.57 -13.99
C PHE A 150 -34.86 9.38 -15.46
N ARG A 151 -34.81 8.14 -15.93
CA ARG A 151 -35.06 7.84 -17.33
C ARG A 151 -36.41 8.36 -17.80
N ASP A 152 -37.42 8.25 -16.96
CA ASP A 152 -38.72 8.75 -17.34
C ASP A 152 -38.73 10.28 -17.47
N SER A 153 -38.22 11.00 -16.46
CA SER A 153 -38.14 12.46 -16.55
C SER A 153 -37.31 12.89 -17.76
N PHE A 154 -36.23 12.18 -18.02
CA PHE A 154 -35.29 12.53 -19.08
C PHE A 154 -35.91 12.39 -20.46
N ALA A 155 -36.62 11.29 -20.70
CA ALA A 155 -37.32 11.11 -21.97
C ALA A 155 -38.34 12.23 -22.18
N LYS A 156 -38.89 12.80 -21.10
CA LYS A 156 -39.87 13.87 -21.20
C LYS A 156 -39.27 15.28 -21.25
N GLN A 157 -37.94 15.36 -21.33
CA GLN A 157 -37.23 16.66 -21.42
C GLN A 157 -36.95 17.09 -22.85
N SER A 158 -36.72 18.38 -23.04
CA SER A 158 -36.41 18.94 -24.38
C SER A 158 -35.01 18.58 -24.84
N ARG A 159 -34.79 18.54 -26.17
CA ARG A 159 -33.45 18.26 -26.67
C ARG A 159 -32.46 19.28 -26.12
N ALA A 160 -32.90 20.51 -25.86
CA ALA A 160 -32.01 21.50 -25.22
C ALA A 160 -31.44 20.97 -23.90
N VAL A 161 -32.32 20.49 -23.03
CA VAL A 161 -31.90 19.82 -21.80
C VAL A 161 -31.16 18.48 -22.05
N GLN A 162 -31.61 17.68 -23.01
CA GLN A 162 -30.90 16.45 -23.32
C GLN A 162 -29.44 16.77 -23.71
N GLU A 163 -29.25 17.86 -24.46
CA GLU A 163 -27.92 18.27 -24.88
C GLU A 163 -27.09 18.67 -23.69
N GLU A 164 -27.63 19.59 -22.89
CA GLU A 164 -26.95 20.11 -21.72
C GLU A 164 -26.51 18.99 -20.78
N PHE A 165 -27.38 18.01 -20.62
CA PHE A 165 -27.10 16.93 -19.73
C PHE A 165 -25.95 16.13 -20.31
N GLN A 166 -26.05 15.75 -21.58
CA GLN A 166 -24.98 14.97 -22.22
C GLN A 166 -23.63 15.65 -22.07
N SER A 167 -23.59 16.97 -22.26
CA SER A 167 -22.33 17.72 -22.18
C SER A 167 -21.70 17.67 -20.80
N ARG A 168 -22.43 18.16 -19.82
CA ARG A 168 -21.97 18.15 -18.43
C ARG A 168 -21.63 16.71 -17.99
N TYR A 169 -22.46 15.76 -18.40
CA TYR A 169 -22.28 14.39 -17.96
C TYR A 169 -20.98 13.86 -18.49
N SER A 170 -20.80 14.02 -19.80
CA SER A 170 -19.70 13.36 -20.46
C SER A 170 -18.42 14.05 -20.07
N LYS A 171 -18.51 15.33 -19.71
CA LYS A 171 -17.35 16.02 -19.11
C LYS A 171 -16.97 15.44 -17.74
N ILE A 172 -17.96 15.28 -16.86
CA ILE A 172 -17.74 14.74 -15.51
C ILE A 172 -17.21 13.32 -15.60
N GLN A 173 -17.77 12.56 -16.53
CA GLN A 173 -17.27 11.23 -16.88
C GLN A 173 -15.76 11.28 -17.20
N LEU A 174 -15.39 12.30 -17.97
CA LEU A 174 -14.02 12.59 -18.35
C LEU A 174 -13.13 12.98 -17.17
N GLU A 175 -13.61 13.93 -16.38
CA GLU A 175 -12.91 14.35 -15.16
C GLU A 175 -12.67 13.16 -14.22
N LEU A 176 -13.64 12.24 -14.16
CA LEU A 176 -13.48 10.98 -13.41
C LEU A 176 -12.39 10.06 -13.99
N ALA A 177 -12.38 9.94 -15.31
CA ALA A 177 -11.36 9.20 -16.04
C ALA A 177 -9.97 9.72 -15.66
N GLU A 178 -9.86 11.03 -15.51
CA GLU A 178 -8.61 11.67 -15.15
C GLU A 178 -8.16 11.27 -13.75
N GLN A 179 -9.10 10.91 -12.88
CA GLN A 179 -8.77 10.42 -11.54
C GLN A 179 -8.59 8.91 -11.47
N GLY A 180 -8.63 8.24 -12.62
CA GLY A 180 -8.46 6.80 -12.65
C GLY A 180 -9.74 6.01 -12.77
N LEU A 181 -10.89 6.67 -12.82
CA LEU A 181 -12.16 5.97 -12.83
C LEU A 181 -12.85 5.89 -14.16
N ASN A 182 -13.09 4.68 -14.61
CA ASN A 182 -14.06 4.48 -15.67
C ASN A 182 -15.44 4.51 -15.07
N SER A 183 -16.34 5.27 -15.68
CA SER A 183 -17.67 5.41 -15.13
C SER A 183 -18.70 5.45 -16.24
N GLU A 184 -19.96 5.26 -15.88
CA GLU A 184 -21.03 5.22 -16.88
C GLU A 184 -22.37 5.50 -16.22
N LEU A 185 -23.35 5.97 -16.97
CA LEU A 185 -24.68 5.98 -16.36
C LEU A 185 -24.96 4.53 -16.01
N TYR A 186 -25.64 4.32 -14.89
CA TYR A 186 -25.77 2.99 -14.31
C TYR A 186 -26.35 1.98 -15.29
N PHE A 187 -27.44 2.37 -15.93
CA PHE A 187 -28.14 1.53 -16.87
C PHE A 187 -27.33 1.25 -18.15
N GLN A 188 -26.25 1.99 -18.34
CA GLN A 188 -25.45 1.85 -19.55
C GLN A 188 -24.11 1.16 -19.36
N ASN A 189 -23.89 0.55 -18.20
CA ASN A 189 -22.58 -0.05 -17.92
C ASN A 189 -22.49 -1.55 -18.18
N LYS A 190 -21.53 -1.92 -19.02
CA LYS A 190 -21.32 -3.32 -19.41
C LYS A 190 -20.71 -4.13 -18.26
N ASN A 191 -19.80 -3.52 -17.52
CA ASN A 191 -19.22 -4.14 -16.34
C ASN A 191 -19.30 -3.23 -15.11
N MET A 192 -20.06 -3.66 -14.11
CA MET A 192 -20.16 -2.89 -12.86
C MET A 192 -18.79 -2.82 -12.21
N SER A 193 -18.07 -3.94 -12.24
CA SER A 193 -16.67 -3.99 -11.79
C SER A 193 -15.76 -3.21 -12.73
N LYS A 194 -14.70 -2.61 -12.17
CA LYS A 194 -13.76 -1.80 -12.97
C LYS A 194 -14.47 -0.62 -13.67
N TYR A 195 -15.71 -0.38 -13.24
CA TYR A 195 -16.53 0.74 -13.69
C TYR A 195 -17.37 1.27 -12.53
N VAL A 196 -17.77 2.54 -12.61
CA VAL A 196 -18.55 3.17 -11.54
C VAL A 196 -19.90 3.56 -12.08
N SER A 197 -20.96 3.15 -11.39
CA SER A 197 -22.32 3.54 -11.76
C SER A 197 -22.58 5.02 -11.48
N ILE A 198 -23.34 5.66 -12.38
CA ILE A 198 -23.72 7.08 -12.21
C ILE A 198 -25.24 7.22 -12.27
N VAL A 199 -25.81 7.78 -11.21
CA VAL A 199 -27.24 7.91 -11.08
C VAL A 199 -27.52 9.37 -10.91
N PRO A 200 -28.17 9.98 -11.90
CA PRO A 200 -28.56 11.38 -11.77
C PRO A 200 -29.64 11.56 -10.72
N THR A 201 -29.50 12.57 -9.88
CA THR A 201 -30.52 12.84 -8.89
C THR A 201 -30.85 14.31 -8.70
N SER A 202 -31.97 14.56 -8.07
CA SER A 202 -32.26 15.90 -7.63
C SER A 202 -32.72 15.80 -6.20
N ALA A 203 -31.98 16.43 -5.31
CA ALA A 203 -32.38 16.51 -3.91
C ALA A 203 -33.61 17.41 -3.79
N VAL A 204 -33.75 18.35 -4.72
CA VAL A 204 -34.92 19.22 -4.71
C VAL A 204 -36.23 18.51 -5.12
N THR A 205 -36.27 17.93 -6.31
CA THR A 205 -37.51 17.31 -6.78
C THR A 205 -37.64 15.84 -6.41
N GLY A 206 -36.57 15.23 -5.94
CA GLY A 206 -36.59 13.77 -5.69
C GLY A 206 -36.46 12.92 -6.94
N GLU A 207 -36.29 13.55 -8.10
CA GLU A 207 -36.09 12.78 -9.32
C GLU A 207 -34.83 11.96 -9.20
N GLY A 208 -34.89 10.71 -9.67
CA GLY A 208 -33.71 9.85 -9.68
C GLY A 208 -33.45 9.09 -8.41
N VAL A 209 -33.99 9.56 -7.29
CA VAL A 209 -33.90 8.81 -6.04
C VAL A 209 -34.35 7.35 -6.24
N PRO A 210 -35.55 7.14 -6.86
CA PRO A 210 -35.96 5.77 -7.15
C PRO A 210 -34.88 4.96 -7.84
N ASP A 211 -34.14 5.60 -8.75
CA ASP A 211 -33.11 4.91 -9.51
C ASP A 211 -32.00 4.47 -8.57
N LEU A 212 -31.60 5.39 -7.72
CA LEU A 212 -30.53 5.19 -6.77
C LEU A 212 -30.88 4.02 -5.84
N LEU A 213 -32.06 4.11 -5.22
CA LEU A 213 -32.55 3.04 -4.36
C LEU A 213 -32.50 1.70 -5.04
N TRP A 214 -33.02 1.62 -6.27
CA TRP A 214 -32.95 0.37 -6.99
C TRP A 214 -31.50 -0.12 -7.07
N LEU A 215 -30.58 0.78 -7.45
CA LEU A 215 -29.24 0.34 -7.83
C LEU A 215 -28.44 -0.24 -6.65
N LEU A 216 -28.75 0.26 -5.45
CA LEU A 216 -28.13 -0.19 -4.20
C LEU A 216 -28.49 -1.64 -3.90
N LEU A 217 -29.78 -1.97 -4.01
CA LEU A 217 -30.26 -3.34 -3.90
C LEU A 217 -29.58 -4.26 -4.91
N GLU A 218 -29.57 -3.85 -6.18
CA GLU A 218 -28.88 -4.60 -7.23
C GLU A 218 -27.37 -4.84 -7.00
N LEU A 219 -26.69 -3.87 -6.41
CA LEU A 219 -25.24 -4.00 -6.18
C LEU A 219 -24.92 -4.73 -4.89
N THR A 220 -25.93 -4.95 -4.05
CA THR A 220 -25.70 -5.62 -2.78
C THR A 220 -26.27 -7.03 -2.71
N GLN A 221 -27.53 -7.21 -3.14
CA GLN A 221 -28.25 -8.46 -2.90
C GLN A 221 -27.55 -9.72 -3.37
N LYS A 222 -26.94 -9.70 -4.54
CA LYS A 222 -26.30 -10.90 -5.09
C LYS A 222 -24.78 -10.90 -5.10
N ARG A 223 -24.18 -9.82 -5.62
CA ARG A 223 -22.73 -9.65 -5.56
C ARG A 223 -22.26 -9.62 -4.11
N MET A 224 -23.06 -9.01 -3.24
CA MET A 224 -22.72 -8.88 -1.82
C MET A 224 -23.70 -9.69 -0.98
N LEU A 231 -26.72 -13.08 11.34
CA LEU A 231 -25.90 -14.25 11.63
C LEU A 231 -25.56 -14.37 13.13
N SER A 232 -25.11 -15.54 13.55
CA SER A 232 -24.92 -15.84 14.98
C SER A 232 -23.89 -14.96 15.66
N HIS A 233 -22.75 -14.75 14.98
CA HIS A 233 -21.66 -13.93 15.50
C HIS A 233 -22.08 -12.49 15.59
N VAL A 234 -21.60 -11.81 16.62
CA VAL A 234 -21.99 -10.42 16.83
C VAL A 234 -20.95 -9.46 16.27
N GLU A 235 -21.36 -8.67 15.28
CA GLU A 235 -20.51 -7.67 14.67
C GLU A 235 -21.00 -6.28 15.04
N ALA A 236 -20.21 -5.60 15.87
CA ALA A 236 -20.59 -4.28 16.36
C ALA A 236 -19.44 -3.30 16.21
N THR A 237 -19.77 -2.07 15.79
CA THR A 237 -18.74 -1.06 15.58
C THR A 237 -19.06 0.30 16.20
N ILE A 238 -18.11 0.74 17.04
CA ILE A 238 -18.24 2.00 17.77
C ILE A 238 -18.11 3.16 16.82
N LEU A 239 -19.22 3.87 16.68
CA LEU A 239 -19.23 5.04 15.83
C LEU A 239 -18.85 6.29 16.60
N GLU A 240 -19.26 6.38 17.86
CA GLU A 240 -19.14 7.64 18.59
C GLU A 240 -19.21 7.43 20.10
N VAL A 241 -18.43 8.23 20.83
CA VAL A 241 -18.34 8.12 22.28
C VAL A 241 -18.86 9.41 22.86
N LYS A 242 -20.01 9.34 23.53
CA LYS A 242 -20.74 10.55 23.92
C LYS A 242 -21.22 10.53 25.37
N VAL A 243 -21.05 11.66 26.07
CA VAL A 243 -21.52 11.79 27.45
C VAL A 243 -22.98 12.19 27.42
N VAL A 244 -23.84 11.36 28.01
CA VAL A 244 -25.29 11.59 28.04
C VAL A 244 -25.78 11.95 29.45
N GLU A 245 -26.63 12.97 29.55
CA GLU A 245 -26.95 13.60 30.83
C GLU A 245 -27.27 12.64 31.98
N GLY A 246 -27.98 11.55 31.65
CA GLY A 246 -28.47 10.60 32.64
C GLY A 246 -27.79 9.25 32.64
N PHE A 247 -26.74 9.11 31.84
CA PHE A 247 -26.12 7.80 31.59
C PHE A 247 -24.59 7.80 31.62
N GLY A 248 -24.00 8.95 31.95
CA GLY A 248 -22.54 9.12 31.89
C GLY A 248 -22.04 8.93 30.46
N THR A 249 -20.86 8.33 30.31
CA THR A 249 -20.34 8.07 28.97
C THR A 249 -21.05 6.90 28.29
N THR A 250 -21.55 7.15 27.08
CA THR A 250 -22.12 6.09 26.24
C THR A 250 -21.28 5.85 24.98
N ILE A 251 -21.54 4.75 24.30
CA ILE A 251 -21.06 4.50 22.94
C ILE A 251 -22.23 4.35 21.97
N ASP A 252 -22.20 5.09 20.87
CA ASP A 252 -23.11 4.86 19.78
C ASP A 252 -22.46 3.84 18.87
N VAL A 253 -23.21 2.80 18.51
CA VAL A 253 -22.67 1.70 17.69
C VAL A 253 -23.57 1.34 16.50
N ILE A 254 -23.00 0.72 15.49
CA ILE A 254 -23.79 0.12 14.44
C ILE A 254 -23.59 -1.39 14.59
N LEU A 255 -24.71 -2.10 14.67
CA LEU A 255 -24.71 -3.53 14.83
C LEU A 255 -24.96 -4.15 13.47
N SER A 256 -23.99 -4.91 12.97
CA SER A 256 -24.14 -5.59 11.68
C SER A 256 -24.64 -7.04 11.76
N ASN A 257 -24.28 -7.73 12.83
CA ASN A 257 -24.75 -9.09 13.06
C ASN A 257 -25.14 -9.36 14.50
N GLY A 258 -26.11 -10.27 14.68
CA GLY A 258 -26.50 -10.76 16.00
C GLY A 258 -27.36 -9.81 16.84
N TYR A 259 -27.44 -10.13 18.14
CA TYR A 259 -28.26 -9.41 19.10
C TYR A 259 -27.43 -8.75 20.18
N LEU A 260 -27.97 -7.67 20.74
CA LEU A 260 -27.42 -7.12 21.96
C LEU A 260 -28.51 -7.14 22.98
N ARG A 261 -28.22 -7.75 24.12
CA ARG A 261 -29.17 -7.86 25.22
C ARG A 261 -28.64 -7.17 26.46
N GLU A 262 -29.54 -6.48 27.18
CA GLU A 262 -29.17 -5.76 28.39
C GLU A 262 -28.51 -6.74 29.36
N GLY A 263 -27.43 -6.29 30.00
CA GLY A 263 -26.62 -7.15 30.86
C GLY A 263 -25.49 -7.83 30.13
N ASP A 264 -25.60 -7.95 28.81
CA ASP A 264 -24.53 -8.52 27.99
C ASP A 264 -23.17 -7.97 28.39
N ARG A 265 -22.23 -8.88 28.63
CA ARG A 265 -20.85 -8.50 28.92
C ARG A 265 -20.12 -8.29 27.61
N ILE A 266 -19.70 -7.05 27.37
CA ILE A 266 -19.04 -6.68 26.14
C ILE A 266 -17.56 -6.37 26.35
N VAL A 267 -16.79 -6.50 25.28
CA VAL A 267 -15.41 -6.00 25.24
C VAL A 267 -15.19 -5.02 24.06
N LEU A 268 -14.36 -4.00 24.32
CA LEU A 268 -14.05 -2.98 23.33
C LEU A 268 -12.66 -2.38 23.55
N CYS A 269 -12.13 -1.75 22.49
CA CYS A 269 -10.83 -1.10 22.55
C CYS A 269 -10.93 0.20 23.31
N GLY A 270 -10.06 0.37 24.31
CA GLY A 270 -9.95 1.63 25.06
C GLY A 270 -8.56 2.23 24.93
N MET A 271 -8.43 3.52 25.16
CA MET A 271 -7.12 4.19 25.00
C MET A 271 -6.12 3.84 26.10
N ASN A 272 -6.61 3.20 27.16
CA ASN A 272 -5.70 2.69 28.18
C ASN A 272 -5.79 1.18 28.37
N GLY A 273 -6.02 0.47 27.27
CA GLY A 273 -6.14 -0.98 27.28
C GLY A 273 -7.55 -1.46 27.00
N PRO A 274 -7.74 -2.78 26.89
CA PRO A 274 -9.05 -3.36 26.66
C PRO A 274 -10.02 -3.06 27.81
N ILE A 275 -11.25 -2.70 27.44
CA ILE A 275 -12.30 -2.41 28.39
C ILE A 275 -13.35 -3.50 28.36
N VAL A 276 -13.72 -3.99 29.53
CA VAL A 276 -14.79 -4.96 29.65
C VAL A 276 -15.88 -4.35 30.49
N THR A 277 -17.13 -4.46 30.02
CA THR A 277 -18.26 -3.96 30.82
C THR A 277 -19.52 -4.76 30.56
N ASN A 278 -20.61 -4.29 31.15
CA ASN A 278 -21.92 -4.91 30.97
C ASN A 278 -22.93 -3.85 30.53
N ILE A 279 -23.71 -4.20 29.50
CA ILE A 279 -24.73 -3.31 28.97
C ILE A 279 -25.77 -2.95 30.02
N ARG A 280 -25.71 -1.73 30.53
CA ARG A 280 -26.74 -1.18 31.42
C ARG A 280 -28.02 -0.81 30.67
N ALA A 281 -27.85 -0.24 29.47
CA ALA A 281 -28.99 0.12 28.64
C ALA A 281 -28.70 -0.05 27.14
N LEU A 282 -29.74 -0.44 26.40
CA LEU A 282 -29.77 -0.33 24.96
C LEU A 282 -30.80 0.75 24.68
N LEU A 283 -30.36 1.85 24.10
CA LEU A 283 -31.21 2.99 23.86
C LEU A 283 -31.35 3.32 22.36
N THR A 284 -32.56 3.69 21.97
CA THR A 284 -32.82 4.27 20.65
C THR A 284 -33.69 5.51 20.89
N PRO A 285 -33.82 6.40 19.88
CA PRO A 285 -34.58 7.62 20.16
C PRO A 285 -36.08 7.36 20.16
N GLN A 286 -36.85 8.32 20.67
CA GLN A 286 -38.27 8.11 20.93
C GLN A 286 -39.20 8.46 19.75
N PRO A 287 -40.09 7.51 19.36
CA PRO A 287 -40.97 7.63 18.20
C PRO A 287 -41.94 8.82 18.32
N LEU A 288 -42.52 9.00 19.50
CA LEU A 288 -43.36 10.18 19.71
C LEU A 288 -42.46 11.40 19.76
N ARG A 289 -42.87 12.45 19.08
CA ARG A 289 -42.23 13.74 19.23
C ARG A 289 -42.67 14.33 20.58
N GLU A 290 -43.94 14.11 20.91
CA GLU A 290 -44.54 14.64 22.14
C GLU A 290 -44.04 13.91 23.39
N LEU A 291 -43.78 12.62 23.23
CA LEU A 291 -43.37 11.73 24.33
C LEU A 291 -42.04 12.10 24.93
N ARG A 292 -41.17 12.63 24.07
CA ARG A 292 -39.74 12.76 24.29
C ARG A 292 -39.32 14.01 25.06
N LEU A 293 -39.93 14.23 26.20
CA LEU A 293 -39.36 15.12 27.19
C LEU A 293 -39.30 14.28 28.43
N LYS A 294 -40.45 13.70 28.74
CA LYS A 294 -40.60 12.80 29.88
C LYS A 294 -39.98 11.44 29.57
N SER A 295 -40.26 10.98 28.35
CA SER A 295 -39.73 9.74 27.80
C SER A 295 -38.22 9.72 27.53
N GLU A 296 -37.68 10.82 27.00
CA GLU A 296 -36.31 10.78 26.51
C GLU A 296 -36.22 9.68 25.44
N TYR A 297 -35.26 8.78 25.55
CA TYR A 297 -35.13 7.69 24.60
C TYR A 297 -35.74 6.40 25.09
N VAL A 298 -35.95 5.45 24.19
CA VAL A 298 -36.50 4.14 24.56
C VAL A 298 -35.43 3.12 24.99
N HIS A 299 -35.75 2.32 25.99
CA HIS A 299 -34.84 1.28 26.49
C HIS A 299 -35.27 -0.08 26.02
N HIS A 300 -34.31 -0.87 25.56
CA HIS A 300 -34.62 -2.18 24.99
C HIS A 300 -33.92 -3.31 25.72
N LYS A 301 -34.67 -4.36 26.01
CA LYS A 301 -34.11 -5.55 26.61
C LYS A 301 -33.16 -6.19 25.61
N GLU A 302 -33.57 -6.22 24.34
CA GLU A 302 -32.70 -6.74 23.29
C GLU A 302 -32.97 -6.09 21.94
N VAL A 303 -31.94 -6.08 21.08
CA VAL A 303 -32.02 -5.53 19.72
C VAL A 303 -31.26 -6.40 18.71
N LYS A 304 -31.82 -6.53 17.51
CA LYS A 304 -31.24 -7.36 16.44
C LYS A 304 -30.37 -6.52 15.55
N ALA A 305 -29.69 -7.21 14.63
CA ALA A 305 -28.72 -6.63 13.73
C ALA A 305 -29.37 -5.66 12.75
N ALA A 306 -28.55 -4.84 12.09
CA ALA A 306 -29.07 -3.88 11.13
C ALA A 306 -29.74 -2.68 11.79
N LEU A 307 -29.19 -2.18 12.87
CA LEU A 307 -29.69 -0.94 13.45
C LEU A 307 -28.59 -0.18 14.15
N GLY A 308 -28.84 1.10 14.39
CA GLY A 308 -27.84 1.92 15.07
C GLY A 308 -28.36 2.19 16.45
N VAL A 309 -27.53 1.90 17.46
CA VAL A 309 -28.00 1.85 18.85
C VAL A 309 -26.99 2.37 19.89
N LYS A 310 -27.50 3.17 20.82
CA LYS A 310 -26.71 3.70 21.93
C LYS A 310 -26.62 2.69 23.09
N ILE A 311 -25.41 2.44 23.57
CA ILE A 311 -25.17 1.57 24.74
C ILE A 311 -24.73 2.40 25.96
N ALA A 312 -25.50 2.35 27.04
CA ALA A 312 -25.06 2.92 28.31
C ALA A 312 -24.37 1.79 29.09
N ALA A 313 -23.39 2.16 29.89
CA ALA A 313 -22.59 1.21 30.64
C ALA A 313 -21.61 1.97 31.54
N ASN A 314 -20.99 1.26 32.46
CA ASN A 314 -19.86 1.82 33.18
C ASN A 314 -18.59 1.54 32.40
N ASP A 315 -17.55 2.32 32.70
CA ASP A 315 -16.21 2.13 32.16
C ASP A 315 -16.07 2.46 30.67
N LEU A 316 -16.94 3.32 30.17
CA LEU A 316 -16.84 3.67 28.77
C LEU A 316 -15.99 4.91 28.54
N GLU A 317 -15.59 5.58 29.62
CA GLU A 317 -14.96 6.91 29.53
C GLU A 317 -13.85 7.00 28.48
N LYS A 318 -13.01 5.98 28.43
CA LYS A 318 -11.88 5.96 27.51
C LYS A 318 -12.08 4.98 26.34
N ALA A 319 -13.34 4.71 26.03
CA ALA A 319 -13.68 3.95 24.83
C ALA A 319 -13.13 4.65 23.58
N VAL A 320 -12.69 3.86 22.61
CA VAL A 320 -12.11 4.39 21.37
C VAL A 320 -13.10 4.26 20.24
N SER A 321 -13.45 5.42 19.66
CA SER A 321 -14.35 5.44 18.53
C SER A 321 -13.65 4.71 17.36
N GLY A 322 -14.40 3.91 16.60
CA GLY A 322 -13.79 3.09 15.56
C GLY A 322 -13.51 1.67 15.98
N SER A 323 -13.65 1.40 17.27
CA SER A 323 -13.41 0.07 17.81
C SER A 323 -14.51 -0.89 17.40
N ARG A 324 -14.13 -2.16 17.26
CA ARG A 324 -15.07 -3.26 17.12
C ARG A 324 -15.58 -3.60 18.52
N LEU A 325 -16.78 -4.17 18.58
CA LEU A 325 -17.40 -4.48 19.84
C LEU A 325 -17.68 -5.97 19.85
N LEU A 326 -17.38 -6.63 20.98
CA LEU A 326 -17.57 -8.07 21.11
C LEU A 326 -18.41 -8.46 22.35
N VAL A 327 -19.30 -9.44 22.19
CA VAL A 327 -20.05 -9.95 23.31
C VAL A 327 -19.39 -11.22 23.79
N VAL A 328 -18.99 -11.25 25.06
CA VAL A 328 -18.37 -12.42 25.68
C VAL A 328 -19.42 -13.51 25.98
N GLY A 329 -19.24 -14.66 25.35
CA GLY A 329 -20.15 -15.80 25.51
C GLY A 329 -19.75 -16.78 26.61
N PRO A 330 -20.62 -17.77 26.90
CA PRO A 330 -20.37 -18.79 27.90
C PRO A 330 -19.03 -19.48 27.72
N GLU A 331 -18.79 -20.05 26.54
CA GLU A 331 -17.56 -20.79 26.25
C GLU A 331 -16.35 -19.91 25.91
N ASP A 332 -16.60 -18.67 25.49
CA ASP A 332 -15.53 -17.72 25.20
C ASP A 332 -14.74 -17.37 26.46
N ASP A 333 -13.42 -17.32 26.31
CA ASP A 333 -12.55 -16.77 27.34
C ASP A 333 -12.50 -15.26 27.19
N GLU A 334 -12.73 -14.54 28.29
CA GLU A 334 -12.72 -13.08 28.27
C GLU A 334 -11.37 -12.55 27.81
N ASP A 335 -10.30 -13.07 28.41
CA ASP A 335 -8.95 -12.56 28.19
C ASP A 335 -8.44 -12.66 26.75
N GLU A 336 -9.04 -13.53 25.94
CA GLU A 336 -8.63 -13.70 24.55
C GLU A 336 -9.40 -12.77 23.63
N LEU A 337 -10.62 -12.42 24.06
CA LEU A 337 -11.43 -11.43 23.38
C LEU A 337 -10.90 -10.02 23.67
N MET A 338 -10.46 -9.82 24.91
CA MET A 338 -9.73 -8.61 25.31
C MET A 338 -8.57 -8.39 24.35
N ASP A 339 -7.96 -9.50 23.93
CA ASP A 339 -6.92 -9.49 22.92
C ASP A 339 -7.42 -9.07 21.53
N ASP A 340 -8.63 -9.52 21.17
CA ASP A 340 -9.14 -9.39 19.80
C ASP A 340 -9.57 -7.99 19.35
N VAL A 341 -10.29 -7.25 20.20
CA VAL A 341 -10.79 -5.93 19.82
C VAL A 341 -9.63 -4.96 19.64
N MET A 342 -8.65 -5.09 20.53
CA MET A 342 -7.45 -4.26 20.54
C MET A 342 -6.55 -4.48 19.32
N ASP A 343 -6.70 -5.61 18.65
CA ASP A 343 -5.88 -6.00 17.50
C ASP A 343 -5.74 -4.95 16.40
N ASP A 344 -6.83 -4.25 16.08
CA ASP A 344 -6.80 -3.21 15.04
C ASP A 344 -5.80 -2.11 15.36
N LEU A 345 -5.85 -1.63 16.60
CA LEU A 345 -4.93 -0.61 17.08
C LEU A 345 -3.54 -1.19 17.32
N THR A 346 -3.50 -2.41 17.85
CA THR A 346 -2.23 -3.05 18.20
C THR A 346 -1.35 -3.13 16.98
N GLY A 347 -1.94 -3.48 15.84
CA GLY A 347 -1.26 -3.49 14.57
C GLY A 347 -0.68 -2.12 14.32
N LEU A 348 -1.51 -1.10 14.52
CA LEU A 348 -1.11 0.29 14.38
C LEU A 348 -0.02 0.71 15.37
N LEU A 349 -0.15 0.28 16.62
CA LEU A 349 0.77 0.67 17.67
C LEU A 349 2.17 0.12 17.43
N ASP A 350 2.26 -1.11 16.94
CA ASP A 350 3.54 -1.80 16.70
C ASP A 350 4.40 -1.16 15.61
N SER A 351 3.77 -0.55 14.60
CA SER A 351 4.46 0.15 13.50
C SER A 351 5.41 1.26 13.97
N VAL A 352 5.01 1.97 15.03
CA VAL A 352 5.71 3.16 15.50
C VAL A 352 7.13 2.90 16.04
N ASP A 353 7.95 3.95 16.00
CA ASP A 353 9.37 3.89 16.35
C ASP A 353 9.62 3.45 17.79
N THR A 354 8.70 3.80 18.67
CA THR A 354 8.88 3.59 20.10
C THR A 354 10.10 4.39 20.53
N THR A 355 11.15 3.72 21.02
CA THR A 355 12.37 4.40 21.43
C THR A 355 13.22 4.81 20.22
N GLY A 356 12.67 5.72 19.42
CA GLY A 356 13.39 6.33 18.30
C GLY A 356 12.87 7.73 18.11
N LYS A 357 13.71 8.64 17.60
CA LYS A 357 13.26 10.02 17.40
C LYS A 357 12.14 10.07 16.38
N GLY A 358 11.08 10.78 16.72
CA GLY A 358 9.92 10.91 15.84
C GLY A 358 8.91 11.94 16.33
N VAL A 359 8.02 12.35 15.43
CA VAL A 359 6.89 13.21 15.81
C VAL A 359 5.76 12.39 16.41
N VAL A 360 5.11 12.96 17.41
CA VAL A 360 3.98 12.31 18.04
C VAL A 360 2.71 12.59 17.23
N VAL A 361 1.83 11.59 17.20
CA VAL A 361 0.62 11.67 16.39
C VAL A 361 -0.61 11.34 17.23
N GLN A 362 -1.69 12.08 17.01
CA GLN A 362 -2.96 11.89 17.74
C GLN A 362 -4.14 12.05 16.81
N ALA A 363 -5.19 11.28 17.05
CA ALA A 363 -6.36 11.24 16.16
C ALA A 363 -7.69 11.06 16.89
N SER A 364 -8.79 11.29 16.17
CA SER A 364 -10.14 11.10 16.69
C SER A 364 -10.62 9.65 16.65
N THR A 365 -10.44 8.98 15.51
CA THR A 365 -10.88 7.60 15.32
C THR A 365 -9.75 6.68 14.91
N LEU A 366 -10.01 5.37 15.03
CA LEU A 366 -9.04 4.36 14.60
C LEU A 366 -8.66 4.57 13.15
N GLY A 367 -9.64 4.89 12.31
CA GLY A 367 -9.40 5.10 10.90
C GLY A 367 -8.63 6.38 10.63
N SER A 368 -9.02 7.47 11.29
CA SER A 368 -8.35 8.75 11.09
C SER A 368 -6.87 8.53 11.39
N LEU A 369 -6.62 7.72 12.40
CA LEU A 369 -5.27 7.41 12.78
C LEU A 369 -4.53 6.60 11.72
N GLU A 370 -5.14 5.48 11.30
CA GLU A 370 -4.55 4.60 10.29
C GLU A 370 -4.21 5.38 9.04
N ALA A 371 -5.14 6.24 8.61
CA ALA A 371 -5.01 7.08 7.41
C ALA A 371 -3.81 8.02 7.51
N LEU A 372 -3.74 8.74 8.63
CA LEU A 372 -2.65 9.67 8.94
C LEU A 372 -1.31 8.95 9.02
N LEU A 373 -1.27 7.79 9.68
CA LEU A 373 -0.04 7.02 9.80
C LEU A 373 0.46 6.51 8.46
N ASP A 374 -0.48 6.00 7.66
CA ASP A 374 -0.19 5.51 6.32
C ASP A 374 0.36 6.65 5.46
N PHE A 375 -0.26 7.82 5.55
CA PHE A 375 0.19 8.99 4.81
C PHE A 375 1.61 9.40 5.19
N LEU A 376 1.89 9.38 6.49
CA LEU A 376 3.21 9.79 6.98
C LEU A 376 4.30 8.79 6.62
N LYS A 377 3.95 7.50 6.62
CA LYS A 377 4.84 6.41 6.17
C LYS A 377 5.37 6.66 4.75
N ASP A 378 4.52 7.25 3.90
CA ASP A 378 4.85 7.53 2.51
C ASP A 378 5.68 8.79 2.32
N MET A 379 5.44 9.78 3.18
CA MET A 379 6.30 10.94 3.21
C MET A 379 7.66 10.49 3.71
N LYS A 380 7.63 9.47 4.58
CA LYS A 380 8.75 9.07 5.44
C LYS A 380 9.03 10.12 6.53
N ILE A 381 7.98 10.44 7.30
CA ILE A 381 8.12 11.17 8.55
C ILE A 381 8.10 10.12 9.64
N PRO A 382 9.15 10.07 10.48
CA PRO A 382 9.16 9.01 11.51
C PRO A 382 8.19 9.32 12.65
N VAL A 383 7.70 8.27 13.30
CA VAL A 383 6.64 8.43 14.29
C VAL A 383 7.02 7.76 15.62
N MET A 384 7.32 8.60 16.62
CA MET A 384 7.69 8.17 17.96
C MET A 384 6.54 7.51 18.72
N SER A 385 5.36 8.13 18.72
CA SER A 385 4.18 7.49 19.34
C SER A 385 2.88 7.95 18.72
N ILE A 386 1.83 7.18 18.95
CA ILE A 386 0.49 7.53 18.51
C ILE A 386 -0.46 7.52 19.70
N GLY A 387 -1.56 8.23 19.56
CA GLY A 387 -2.56 8.35 20.62
C GLY A 387 -3.95 8.61 20.09
N LEU A 388 -4.94 8.54 20.97
CA LEU A 388 -6.30 8.87 20.58
C LEU A 388 -7.01 9.83 21.52
N GLY A 389 -7.88 10.64 20.94
CA GLY A 389 -8.81 11.47 21.71
C GLY A 389 -8.22 12.80 22.10
N PRO A 390 -8.88 13.48 23.07
CA PRO A 390 -8.41 14.70 23.70
C PRO A 390 -6.93 14.65 24.03
N VAL A 391 -6.25 15.75 23.68
CA VAL A 391 -4.82 15.91 23.94
C VAL A 391 -4.62 16.50 25.34
N TYR A 392 -3.74 15.88 26.12
CA TYR A 392 -3.45 16.33 27.49
C TYR A 392 -1.95 16.55 27.68
N LYS A 393 -1.58 17.07 28.84
CA LYS A 393 -0.17 17.26 29.18
C LYS A 393 0.59 15.94 29.07
N ARG A 394 -0.05 14.86 29.52
CA ARG A 394 0.47 13.52 29.42
C ARG A 394 0.96 13.28 27.99
N ASP A 395 0.05 13.40 27.04
CA ASP A 395 0.34 13.13 25.62
C ASP A 395 1.39 14.06 25.02
N VAL A 396 1.33 15.34 25.37
CA VAL A 396 2.27 16.32 24.82
C VAL A 396 3.66 16.18 25.47
N MET A 397 3.70 15.50 26.62
CA MET A 397 4.94 15.12 27.30
C MET A 397 5.74 14.10 26.49
N LYS A 398 5.04 13.31 25.66
CA LYS A 398 5.70 12.32 24.82
C LYS A 398 6.65 13.04 23.86
N ALA A 399 6.16 14.15 23.29
CA ALA A 399 6.91 14.97 22.35
C ALA A 399 8.05 15.74 22.99
N SER A 400 7.88 16.10 24.26
CA SER A 400 8.91 16.80 25.06
C SER A 400 10.32 16.21 24.87
N THR A 401 10.39 14.88 24.88
CA THR A 401 11.65 14.12 24.84
C THR A 401 12.40 14.25 23.52
N MET A 402 11.91 15.12 22.65
CA MET A 402 12.51 15.32 21.33
C MET A 402 13.09 16.72 21.14
N LEU A 403 12.99 17.56 22.16
CA LEU A 403 13.47 18.95 22.10
C LEU A 403 14.99 19.05 21.84
N GLU A 404 15.76 18.23 22.55
CA GLU A 404 17.24 18.15 22.42
C GLU A 404 17.73 17.26 21.27
N LYS A 405 17.13 16.07 21.13
CA LYS A 405 17.55 15.08 20.14
C LYS A 405 17.18 15.49 18.70
N ALA A 406 15.92 15.90 18.50
CA ALA A 406 15.41 16.22 17.16
C ALA A 406 14.29 17.27 17.19
N PRO A 407 14.66 18.55 17.38
CA PRO A 407 13.74 19.66 17.71
C PRO A 407 12.66 19.85 16.65
N GLU A 408 13.01 19.56 15.40
CA GLU A 408 12.05 19.60 14.30
C GLU A 408 10.87 18.68 14.60
N TYR A 409 11.18 17.53 15.20
CA TYR A 409 10.13 16.61 15.57
C TYR A 409 9.59 16.88 16.98
N ALA A 410 9.63 18.13 17.45
CA ALA A 410 9.13 18.48 18.80
C ALA A 410 7.66 18.91 18.71
N VAL A 411 6.92 18.13 17.93
CA VAL A 411 5.63 18.52 17.43
C VAL A 411 4.65 17.36 17.53
N MET A 412 3.38 17.71 17.77
CA MET A 412 2.28 16.77 17.65
C MET A 412 1.51 16.96 16.34
N LEU A 413 1.23 15.86 15.68
CA LEU A 413 0.41 15.90 14.49
C LEU A 413 -0.97 15.39 14.88
N CYS A 414 -1.87 16.32 15.14
CA CYS A 414 -3.22 15.97 15.62
C CYS A 414 -4.26 16.11 14.53
N PHE A 415 -5.20 15.18 14.50
CA PHE A 415 -6.29 15.23 13.55
C PHE A 415 -7.63 15.15 14.28
N ASP A 416 -8.41 16.22 14.13
CA ASP A 416 -9.79 16.26 14.60
C ASP A 416 -9.90 16.00 16.10
N VAL A 417 -8.99 16.56 16.88
CA VAL A 417 -9.05 16.36 18.32
C VAL A 417 -8.99 17.65 19.12
N LYS A 418 -9.85 17.73 20.13
CA LYS A 418 -9.79 18.85 21.06
C LYS A 418 -8.50 18.73 21.88
N VAL A 419 -7.90 19.88 22.15
CA VAL A 419 -6.72 19.95 23.01
C VAL A 419 -7.11 20.62 24.34
N ASP A 420 -6.53 20.17 25.44
CA ASP A 420 -6.78 20.78 26.75
C ASP A 420 -6.23 22.19 26.80
N LYS A 421 -6.87 23.05 27.59
CA LYS A 421 -6.35 24.40 27.86
C LYS A 421 -5.03 24.26 28.60
N GLU A 422 -5.03 23.39 29.62
CA GLU A 422 -3.84 23.06 30.41
C GLU A 422 -2.69 22.54 29.55
N ALA A 423 -3.01 21.64 28.61
CA ALA A 423 -2.02 21.07 27.71
C ALA A 423 -1.49 22.07 26.68
N GLU A 424 -2.37 22.90 26.12
CA GLU A 424 -1.98 23.93 25.15
C GLU A 424 -1.16 25.02 25.84
N GLN A 425 -1.62 25.43 27.03
CA GLN A 425 -0.88 26.36 27.87
C GLN A 425 0.48 25.79 28.27
N TYR A 426 0.54 24.49 28.54
CA TYR A 426 1.80 23.81 28.83
C TYR A 426 2.72 23.72 27.61
N ALA A 427 2.16 23.40 26.45
CA ALA A 427 2.95 23.32 25.20
C ALA A 427 3.52 24.69 24.79
N GLU A 428 3.06 25.74 25.46
CA GLU A 428 3.56 27.10 25.30
C GLU A 428 4.84 27.36 26.11
N GLN A 429 4.94 26.77 27.29
CA GLN A 429 6.16 26.82 28.10
C GLN A 429 7.35 26.31 27.27
N GLU A 430 7.30 25.03 26.90
CA GLU A 430 8.27 24.43 25.99
C GLU A 430 8.00 24.93 24.57
N GLY A 431 8.72 24.39 23.59
CA GLY A 431 8.54 24.77 22.19
C GLY A 431 7.84 23.73 21.35
N ILE A 432 6.69 23.25 21.84
CA ILE A 432 5.96 22.15 21.19
C ILE A 432 4.95 22.66 20.18
N LYS A 433 5.21 22.41 18.91
CA LYS A 433 4.25 22.78 17.87
C LYS A 433 3.13 21.73 17.83
N ILE A 434 1.92 22.17 18.14
CA ILE A 434 0.74 21.35 18.01
C ILE A 434 0.06 21.63 16.66
N PHE A 435 0.02 20.62 15.80
CA PHE A 435 -0.69 20.71 14.53
C PHE A 435 -2.08 20.10 14.66
N ASN A 436 -3.11 20.84 14.28
CA ASN A 436 -4.47 20.34 14.42
C ASN A 436 -5.45 20.79 13.34
N ALA A 437 -5.90 19.85 12.51
CA ALA A 437 -6.80 20.10 11.37
C ALA A 437 -7.52 18.84 10.91
N ASP A 438 -8.58 19.01 10.14
CA ASP A 438 -9.41 17.89 9.67
C ASP A 438 -8.72 17.03 8.60
N VAL A 439 -7.94 17.67 7.74
CA VAL A 439 -7.27 16.98 6.65
C VAL A 439 -5.77 17.14 6.83
N ILE A 440 -5.03 16.21 6.22
CA ILE A 440 -3.58 16.19 6.24
C ILE A 440 -2.94 17.53 5.82
N TYR A 441 -3.45 18.10 4.74
CA TYR A 441 -2.84 19.29 4.17
C TYR A 441 -2.37 20.29 5.20
N HIS A 442 -3.26 20.65 6.11
CA HIS A 442 -2.99 21.71 7.07
C HIS A 442 -1.80 21.37 7.94
N LEU A 443 -1.75 20.11 8.35
CA LEU A 443 -0.60 19.58 9.08
C LEU A 443 0.61 19.53 8.17
N PHE A 444 0.38 18.99 6.97
CA PHE A 444 1.46 18.82 6.03
C PHE A 444 2.10 20.16 5.66
N ASP A 445 1.28 21.19 5.46
CA ASP A 445 1.79 22.52 5.14
C ASP A 445 2.36 23.16 6.39
N SER A 446 1.61 23.12 7.48
CA SER A 446 2.17 23.69 8.69
C SER A 446 3.44 22.92 9.04
N PHE A 447 3.34 21.59 9.06
CA PHE A 447 4.48 20.83 9.53
C PHE A 447 5.65 21.03 8.62
N THR A 448 5.40 20.88 7.32
CA THR A 448 6.46 21.01 6.34
C THR A 448 7.02 22.42 6.38
N ALA A 449 6.13 23.42 6.46
CA ALA A 449 6.52 24.84 6.51
C ALA A 449 7.34 25.13 7.75
N TYR A 450 6.90 24.61 8.89
CA TYR A 450 7.61 24.76 10.14
C TYR A 450 9.00 24.15 10.02
N GLN A 451 9.10 22.98 9.41
CA GLN A 451 10.38 22.32 9.26
C GLN A 451 11.37 23.15 8.42
N GLU A 452 10.87 23.77 7.36
CA GLU A 452 11.68 24.64 6.53
C GLU A 452 12.05 25.94 7.25
N LYS A 453 11.11 26.49 8.02
CA LYS A 453 11.37 27.68 8.82
C LYS A 453 12.44 27.40 9.85
N LEU A 454 12.39 26.20 10.42
CA LEU A 454 13.40 25.76 11.37
C LEU A 454 14.77 25.67 10.72
N LEU A 455 14.83 25.14 9.50
CA LEU A 455 16.07 25.14 8.75
C LEU A 455 16.53 26.56 8.42
N GLU A 456 15.59 27.41 8.04
CA GLU A 456 15.87 28.83 7.76
C GLU A 456 16.66 29.50 8.89
N GLU A 457 16.21 29.29 10.13
CA GLU A 457 16.93 29.76 11.32
C GLU A 457 18.22 28.96 11.54
N ARG A 458 18.15 27.67 11.29
CA ARG A 458 19.29 26.80 11.51
C ARG A 458 20.44 27.11 10.57
N ARG A 459 20.12 27.38 9.31
CA ARG A 459 21.12 27.63 8.28
C ARG A 459 21.97 28.85 8.57
N LYS A 460 21.33 29.93 9.00
CA LYS A 460 22.02 31.18 9.31
C LYS A 460 23.02 30.99 10.45
N ASP A 461 22.58 30.33 11.51
CA ASP A 461 23.47 30.01 12.63
C ASP A 461 24.55 29.00 12.21
N PHE A 462 24.15 28.01 11.42
CA PHE A 462 25.02 26.90 11.03
C PHE A 462 26.21 27.36 10.17
N LEU A 463 25.97 28.28 9.24
CA LEU A 463 27.00 28.68 8.27
C LEU A 463 28.21 29.28 8.94
N ASP A 464 27.98 30.20 9.90
CA ASP A 464 29.06 30.76 10.70
C ASP A 464 29.73 29.69 11.54
N TYR A 465 28.92 28.90 12.21
CA TYR A 465 29.43 27.86 13.07
C TYR A 465 30.12 26.76 12.28
N ALA A 466 29.61 26.46 11.09
CA ALA A 466 30.08 25.30 10.30
C ALA A 466 31.45 25.50 9.66
N ILE A 467 32.13 24.40 9.35
CA ILE A 467 33.54 24.48 8.96
C ILE A 467 33.95 23.15 8.38
N PHE A 468 34.33 23.15 7.10
CA PHE A 468 34.85 21.95 6.46
C PHE A 468 36.32 21.81 6.73
N PRO A 469 36.80 20.56 6.79
CA PRO A 469 38.21 20.25 7.04
C PRO A 469 39.10 20.61 5.85
N CYS A 470 40.32 21.04 6.16
CA CYS A 470 41.37 21.14 5.15
C CYS A 470 42.75 21.28 5.79
N VAL A 471 43.74 20.69 5.14
CA VAL A 471 45.10 20.73 5.63
C VAL A 471 45.96 21.33 4.53
N LEU A 472 46.77 22.34 4.88
CA LEU A 472 47.47 23.15 3.87
C LEU A 472 48.94 23.12 4.14
N GLN A 473 49.74 23.12 3.09
CA GLN A 473 51.17 23.23 3.23
C GLN A 473 51.54 24.62 2.71
N THR A 474 52.26 25.38 3.51
CA THR A 474 52.67 26.71 3.09
C THR A 474 53.84 26.56 2.14
N LEU A 475 53.66 27.13 0.96
CA LEU A 475 54.69 27.08 -0.04
C LEU A 475 55.60 28.26 0.22
N GLN A 476 55.00 29.42 0.42
CA GLN A 476 55.77 30.62 0.78
C GLN A 476 54.88 31.74 1.25
N ILE A 477 55.49 32.64 2.00
CA ILE A 477 54.68 33.70 2.59
C ILE A 477 54.66 34.84 1.60
N ILE A 478 53.49 35.28 1.21
CA ILE A 478 53.50 36.38 0.24
C ILE A 478 53.48 37.75 0.95
N ASN A 479 52.53 37.91 1.88
CA ASN A 479 52.44 39.09 2.70
C ASN A 479 52.27 38.68 4.17
N LYS A 480 53.18 39.15 5.02
CA LYS A 480 53.19 38.68 6.41
C LYS A 480 52.10 39.29 7.27
N ARG A 481 51.74 40.53 7.00
CA ARG A 481 50.59 41.16 7.65
C ARG A 481 49.95 42.21 6.76
N GLY A 482 48.74 42.61 7.11
CA GLY A 482 48.14 43.82 6.55
C GLY A 482 47.76 43.81 5.08
N PRO A 483 47.16 42.71 4.62
CA PRO A 483 46.81 41.49 5.30
C PRO A 483 47.82 40.39 5.06
N MET A 484 47.82 39.43 5.98
CA MET A 484 48.55 38.20 5.78
C MET A 484 47.98 37.53 4.54
N ILE A 485 48.90 37.12 3.66
CA ILE A 485 48.57 36.42 2.42
C ILE A 485 49.53 35.25 2.32
N ILE A 486 48.99 34.04 2.32
CA ILE A 486 49.85 32.86 2.25
C ILE A 486 49.66 32.07 0.97
N GLY A 487 50.79 31.65 0.40
CA GLY A 487 50.80 30.83 -0.80
C GLY A 487 50.92 29.40 -0.34
N VAL A 488 49.90 28.59 -0.64
CA VAL A 488 49.78 27.25 -0.08
C VAL A 488 49.53 26.14 -1.11
N ASP A 489 49.74 24.91 -0.66
CA ASP A 489 49.37 23.64 -1.31
C ASP A 489 48.27 23.00 -0.45
N VAL A 490 47.06 22.74 -0.98
CA VAL A 490 46.11 21.96 -0.19
C VAL A 490 46.56 20.52 -0.22
N LEU A 491 46.91 20.01 0.96
CA LEU A 491 47.25 18.61 1.14
C LEU A 491 46.02 17.71 1.20
N GLU A 492 45.03 18.08 2.03
CA GLU A 492 43.78 17.30 2.20
C GLU A 492 42.52 18.17 2.31
N GLY A 493 41.39 17.70 1.78
CA GLY A 493 40.11 18.39 2.07
C GLY A 493 39.65 19.53 1.16
N THR A 494 38.83 20.43 1.69
CA THR A 494 38.32 21.54 0.90
C THR A 494 38.63 22.87 1.59
N LEU A 495 39.57 23.63 1.02
CA LEU A 495 39.87 24.97 1.50
C LEU A 495 38.89 25.92 0.84
N ARG A 496 38.16 26.69 1.63
CA ARG A 496 37.17 27.57 1.05
C ARG A 496 37.17 28.93 1.70
N VAL A 497 36.57 29.88 1.00
CA VAL A 497 36.33 31.24 1.51
C VAL A 497 35.45 31.13 2.76
N GLY A 498 35.83 31.88 3.79
CA GLY A 498 35.14 31.87 5.09
C GLY A 498 35.78 30.96 6.11
N THR A 499 36.56 30.00 5.63
CA THR A 499 37.19 29.00 6.50
C THR A 499 38.27 29.65 7.35
N PRO A 500 38.24 29.44 8.66
CA PRO A 500 39.26 29.94 9.56
C PRO A 500 40.48 29.04 9.53
N ILE A 501 41.67 29.64 9.36
CA ILE A 501 42.91 28.87 9.22
C ILE A 501 43.72 28.99 10.50
N CYS A 502 44.34 27.90 10.93
CA CYS A 502 45.14 27.95 12.14
C CYS A 502 46.34 27.03 12.18
N ALA A 503 47.25 27.37 13.08
CA ALA A 503 48.42 26.55 13.41
C ALA A 503 48.21 25.82 14.74
N VAL A 504 48.72 24.60 14.82
CA VAL A 504 48.72 23.85 16.07
C VAL A 504 50.16 23.60 16.49
N LYS A 505 50.57 24.22 17.58
CA LYS A 505 51.95 24.18 18.00
C LYS A 505 52.02 23.78 19.45
N THR A 506 52.84 22.76 19.72
CA THR A 506 53.12 22.37 21.07
C THR A 506 54.55 22.80 21.39
N ASP A 507 54.73 23.58 22.46
CA ASP A 507 56.06 23.81 22.99
C ASP A 507 56.62 22.41 23.20
N PRO A 508 57.92 22.21 22.90
CA PRO A 508 58.57 20.91 23.06
C PRO A 508 58.21 20.19 24.37
N THR A 509 58.22 20.94 25.48
CA THR A 509 57.84 20.38 26.77
C THR A 509 56.68 21.12 27.45
N THR A 510 56.86 22.41 27.72
CA THR A 510 56.00 23.20 28.63
C THR A 510 54.51 23.33 28.27
N LYS A 511 54.23 23.70 27.02
CA LYS A 511 52.90 24.08 26.60
C LYS A 511 52.00 22.87 26.35
N GLU A 512 52.58 21.86 25.69
CA GLU A 512 51.95 20.56 25.46
C GLU A 512 50.79 20.61 24.45
N ARG A 513 50.43 21.81 24.02
CA ARG A 513 49.35 22.03 23.06
C ARG A 513 49.27 23.51 22.66
N GLN A 514 48.47 23.80 21.63
CA GLN A 514 48.23 25.17 21.19
C GLN A 514 47.18 25.28 20.09
N THR A 515 46.65 26.48 19.94
CA THR A 515 45.90 26.88 18.77
C THR A 515 46.28 28.32 18.45
N LEU A 516 46.77 28.55 17.23
CA LEU A 516 47.11 29.88 16.76
C LEU A 516 46.25 30.17 15.55
N ILE A 517 45.20 30.96 15.72
CA ILE A 517 44.34 31.33 14.62
C ILE A 517 44.99 32.44 13.77
N LEU A 518 45.29 32.15 12.50
CA LEU A 518 45.85 33.18 11.60
C LEU A 518 44.79 34.15 11.02
N GLY A 519 43.64 33.63 10.64
CA GLY A 519 42.53 34.46 10.11
C GLY A 519 41.48 33.59 9.44
N LYS A 520 40.47 34.23 8.84
CA LYS A 520 39.52 33.51 7.97
C LYS A 520 39.76 33.87 6.49
N VAL A 521 39.62 32.91 5.58
CA VAL A 521 39.88 33.14 4.16
C VAL A 521 38.90 34.15 3.57
N ILE A 522 39.46 35.23 3.02
CA ILE A 522 38.68 36.24 2.29
C ILE A 522 38.53 35.83 0.84
N SER A 523 39.65 35.50 0.21
CA SER A 523 39.69 35.23 -1.21
C SER A 523 40.79 34.24 -1.59
N LEU A 524 40.53 33.49 -2.65
CA LEU A 524 41.45 32.48 -3.11
C LEU A 524 41.75 32.68 -4.57
N GLU A 525 43.04 32.70 -4.91
CA GLU A 525 43.46 32.94 -6.29
C GLU A 525 44.39 31.86 -6.76
N ILE A 526 43.96 31.20 -7.84
CA ILE A 526 44.71 30.13 -8.48
C ILE A 526 44.77 30.47 -9.94
N ASN A 527 46.00 30.48 -10.48
CA ASN A 527 46.26 30.70 -11.90
C ASN A 527 45.69 32.01 -12.42
N HIS A 528 45.81 33.05 -11.61
CA HIS A 528 45.31 34.38 -11.93
C HIS A 528 43.83 34.53 -11.90
N GLN A 529 43.11 33.55 -11.38
CA GLN A 529 41.68 33.74 -11.25
C GLN A 529 41.15 33.49 -9.84
N PRO A 530 40.27 34.41 -9.34
CA PRO A 530 39.44 34.17 -8.20
C PRO A 530 38.80 32.82 -8.32
N VAL A 531 38.67 32.19 -7.17
CA VAL A 531 38.00 30.92 -7.02
C VAL A 531 37.38 31.01 -5.63
N GLN A 532 36.34 30.25 -5.39
CA GLN A 532 35.70 30.31 -4.09
C GLN A 532 36.03 29.13 -3.21
N GLU A 533 36.80 28.19 -3.72
CA GLU A 533 36.99 26.91 -3.08
C GLU A 533 38.15 26.24 -3.77
N VAL A 534 38.94 25.42 -3.06
CA VAL A 534 39.91 24.51 -3.72
C VAL A 534 40.00 23.15 -3.00
N LYS A 535 39.56 22.11 -3.69
CA LYS A 535 39.61 20.71 -3.20
C LYS A 535 40.97 20.09 -3.50
N LYS A 536 41.47 19.21 -2.64
CA LYS A 536 42.76 18.54 -2.92
C LYS A 536 42.68 18.01 -4.35
N GLY A 537 43.74 18.22 -5.13
CA GLY A 537 43.81 17.72 -6.52
C GLY A 537 43.28 18.58 -7.67
N GLN A 538 42.41 19.56 -7.34
CA GLN A 538 41.84 20.51 -8.30
C GLN A 538 42.87 21.27 -9.12
N THR A 539 44.05 21.46 -8.52
CA THR A 539 45.14 22.19 -9.16
C THR A 539 46.47 21.62 -8.67
N ALA A 540 47.55 22.07 -9.31
CA ALA A 540 48.92 21.79 -8.88
C ALA A 540 49.67 23.09 -8.63
N ALA A 541 48.94 24.19 -8.79
CA ALA A 541 49.57 25.48 -8.94
C ALA A 541 50.00 26.05 -7.61
N GLY A 542 49.17 25.84 -6.60
CA GLY A 542 49.36 26.61 -5.41
C GLY A 542 48.46 27.82 -5.48
N VAL A 543 47.94 28.18 -4.32
CA VAL A 543 46.89 29.14 -4.28
C VAL A 543 47.27 30.22 -3.26
N ALA A 544 47.06 31.46 -3.65
CA ALA A 544 47.26 32.55 -2.71
C ALA A 544 45.99 32.74 -1.90
N VAL A 545 46.19 32.68 -0.59
CA VAL A 545 45.12 32.76 0.37
C VAL A 545 45.25 34.08 1.09
N ARG A 546 44.22 34.90 0.93
CA ARG A 546 44.15 36.17 1.62
C ARG A 546 43.28 35.98 2.84
N LEU A 547 43.85 36.31 3.99
CA LEU A 547 43.23 36.08 5.29
C LEU A 547 42.83 37.39 5.92
N GLU A 548 41.54 37.46 6.28
CA GLU A 548 40.99 38.55 7.12
C GLU A 548 41.55 38.45 8.54
N ASP A 549 41.99 39.59 9.09
CA ASP A 549 42.59 39.57 10.42
C ASP A 549 41.55 39.05 11.41
N PRO A 550 41.98 38.19 12.36
CA PRO A 550 41.12 37.70 13.42
C PRO A 550 41.08 38.79 14.49
N SER A 551 40.12 38.75 15.39
CA SER A 551 40.06 39.75 16.45
C SER A 551 41.04 39.33 17.54
N GLY A 552 41.84 40.29 17.99
CA GLY A 552 42.96 39.99 18.89
C GLY A 552 44.19 39.60 18.09
N GLN A 553 45.36 39.92 18.64
CA GLN A 553 46.64 39.93 17.91
C GLN A 553 46.89 38.71 17.02
N GLN A 554 47.05 38.97 15.73
CA GLN A 554 47.31 37.94 14.73
C GLN A 554 48.72 37.47 14.95
N PRO A 555 48.92 36.15 15.08
CA PRO A 555 50.28 35.65 15.26
C PRO A 555 51.25 36.24 14.23
N ILE A 556 52.50 36.34 14.61
CA ILE A 556 53.46 37.04 13.78
C ILE A 556 54.26 36.04 12.95
N TRP A 557 54.31 36.24 11.65
CA TRP A 557 55.02 35.27 10.83
C TRP A 557 56.46 35.31 11.25
N GLY A 558 57.10 34.13 11.22
CA GLY A 558 58.51 34.00 11.54
C GLY A 558 58.74 33.83 13.04
N ARG A 559 58.28 34.80 13.81
CA ARG A 559 58.21 34.69 15.27
C ARG A 559 57.39 33.47 15.73
N HIS A 560 56.09 33.47 15.43
CA HIS A 560 55.14 32.50 15.99
C HIS A 560 54.77 31.33 15.07
N VAL A 561 54.56 31.64 13.80
CA VAL A 561 54.14 30.68 12.78
C VAL A 561 55.09 30.89 11.62
N ASP A 562 55.44 29.83 10.92
CA ASP A 562 56.31 29.93 9.75
C ASP A 562 56.02 28.87 8.67
N GLU A 563 56.88 28.85 7.67
CA GLU A 563 56.74 28.00 6.49
C GLU A 563 56.51 26.53 6.81
N ASN A 564 57.16 26.07 7.89
CA ASN A 564 57.19 24.66 8.25
C ASN A 564 55.96 24.16 8.95
N ASP A 565 55.22 25.06 9.57
CA ASP A 565 54.03 24.67 10.32
C ASP A 565 52.86 24.32 9.40
N THR A 566 52.47 23.03 9.39
CA THR A 566 51.23 22.63 8.71
C THR A 566 50.07 23.37 9.34
N LEU A 567 49.20 23.87 8.48
CA LEU A 567 48.07 24.66 8.95
C LEU A 567 46.79 23.95 8.58
N TYR A 568 45.78 24.08 9.44
CA TYR A 568 44.48 23.42 9.21
C TYR A 568 43.28 24.32 9.52
N SER A 569 42.14 24.01 8.90
CA SER A 569 40.88 24.65 9.24
C SER A 569 40.69 24.43 10.70
N LEU A 570 40.30 25.49 11.40
CA LEU A 570 40.06 25.41 12.82
C LEU A 570 38.76 24.64 13.06
N VAL A 571 38.88 23.40 13.55
CA VAL A 571 37.71 22.61 13.96
C VAL A 571 37.66 22.36 15.46
N SER A 572 36.44 22.21 15.93
CA SER A 572 36.11 22.20 17.34
C SER A 572 34.94 21.25 17.54
N ARG A 573 34.62 20.96 18.80
CA ARG A 573 33.40 20.21 19.06
C ARG A 573 32.22 20.90 18.42
N ARG A 574 32.10 22.22 18.54
CA ARG A 574 30.95 22.94 17.97
C ARG A 574 30.97 22.85 16.46
N SER A 575 32.15 23.06 15.88
CA SER A 575 32.37 22.97 14.44
C SER A 575 31.87 21.66 13.91
N ILE A 576 32.20 20.57 14.60
CA ILE A 576 31.84 19.24 14.13
C ILE A 576 30.34 18.95 14.25
N ASP A 577 29.72 19.37 15.34
CA ASP A 577 28.28 19.17 15.53
C ASP A 577 27.47 19.86 14.46
N THR A 578 27.84 21.11 14.17
CA THR A 578 27.12 21.91 13.18
C THR A 578 27.13 21.26 11.79
N LEU A 579 28.16 20.46 11.52
CA LEU A 579 28.19 19.69 10.28
C LEU A 579 27.10 18.63 10.24
N LYS A 580 26.82 18.01 11.38
CA LYS A 580 25.86 16.91 11.47
C LYS A 580 24.44 17.28 11.06
N ASP A 581 23.97 18.46 11.47
CA ASP A 581 22.60 18.86 11.18
C ASP A 581 22.53 19.93 10.11
N LYS A 582 21.53 19.85 9.23
CA LYS A 582 21.27 20.90 8.24
C LYS A 582 22.33 20.92 7.13
N ALA A 583 23.59 21.05 7.53
CA ALA A 583 24.72 20.95 6.63
C ALA A 583 24.89 19.56 5.98
N PHE A 584 24.57 18.53 6.74
CA PHE A 584 24.97 17.15 6.42
C PHE A 584 24.45 16.57 5.12
N ARG A 585 23.23 16.95 4.74
CA ARG A 585 22.43 16.24 3.75
C ARG A 585 23.11 15.95 2.41
N ASP A 586 23.81 16.94 1.86
CA ASP A 586 24.53 16.75 0.60
C ASP A 586 25.99 17.21 0.66
N GLN A 587 26.26 18.22 1.47
CA GLN A 587 27.52 18.97 1.43
C GLN A 587 28.79 18.19 1.75
N VAL A 588 28.76 17.39 2.81
CA VAL A 588 29.98 16.69 3.23
C VAL A 588 30.32 15.49 2.35
N ALA A 589 31.62 15.26 2.17
CA ALA A 589 32.09 14.04 1.53
C ALA A 589 32.55 13.06 2.59
N ARG A 590 32.63 11.78 2.23
CA ARG A 590 33.20 10.76 3.13
C ARG A 590 34.67 11.06 3.43
N SER A 591 35.40 11.51 2.41
CA SER A 591 36.80 11.94 2.56
C SER A 591 36.93 12.97 3.66
N ASP A 592 35.92 13.83 3.76
CA ASP A 592 35.89 14.94 4.73
C ASP A 592 35.54 14.53 6.17
N TRP A 593 34.69 13.52 6.32
CA TRP A 593 34.46 12.91 7.63
C TRP A 593 35.71 12.19 8.10
N LEU A 594 36.39 11.50 7.17
CA LEU A 594 37.64 10.82 7.46
C LEU A 594 38.75 11.79 7.83
N LEU A 595 38.78 12.93 7.17
CA LEU A 595 39.71 13.98 7.56
C LEU A 595 39.38 14.51 8.95
N LEU A 596 38.09 14.77 9.24
CA LEU A 596 37.67 15.20 10.57
C LEU A 596 38.22 14.26 11.63
N LYS A 597 38.09 12.96 11.39
CA LYS A 597 38.62 11.92 12.26
C LYS A 597 40.07 12.25 12.66
N LYS A 598 40.89 12.54 11.66
CA LYS A 598 42.30 12.79 11.87
C LYS A 598 42.56 14.14 12.56
N LEU A 599 41.72 15.13 12.24
CA LEU A 599 41.89 16.46 12.81
C LEU A 599 41.66 16.47 14.33
N LYS A 600 40.68 15.69 14.78
CA LYS A 600 40.40 15.63 16.21
C LYS A 600 41.66 15.18 16.95
N VAL A 601 42.39 14.23 16.36
CA VAL A 601 43.65 13.71 16.90
C VAL A 601 44.66 14.85 17.07
N VAL A 602 44.75 15.71 16.07
CA VAL A 602 45.64 16.85 16.12
C VAL A 602 45.18 17.89 17.13
N PHE A 603 43.87 18.19 17.13
CA PHE A 603 43.33 19.21 18.02
C PHE A 603 43.03 18.74 19.44
N GLY A 604 43.12 17.43 19.66
CA GLY A 604 42.81 16.84 20.97
C GLY A 604 41.33 16.87 21.28
N ILE A 605 40.50 16.62 20.28
CA ILE A 605 39.07 16.56 20.49
C ILE A 605 38.63 15.10 20.53
N GLU A 606 37.81 14.76 21.53
CA GLU A 606 37.23 13.41 21.63
C GLU A 606 35.98 13.24 20.79
N ASP B 6 -16.85 -41.27 8.15
CA ASP B 6 -16.45 -40.12 9.03
C ASP B 6 -16.58 -38.78 8.30
N LEU B 7 -16.30 -37.69 9.01
CA LEU B 7 -16.24 -36.34 8.44
C LEU B 7 -15.05 -36.18 7.50
N ARG B 8 -15.09 -35.20 6.59
CA ARG B 8 -14.03 -35.01 5.60
C ARG B 8 -12.68 -34.63 6.22
N SER B 9 -11.60 -35.19 5.67
CA SER B 9 -10.23 -34.90 6.13
C SER B 9 -9.71 -33.54 5.67
N PRO B 10 -8.76 -32.96 6.43
CA PRO B 10 -8.15 -31.68 6.08
C PRO B 10 -7.07 -31.80 5.01
N ILE B 11 -6.89 -30.75 4.20
CA ILE B 11 -5.91 -30.75 3.11
C ILE B 11 -4.74 -29.81 3.44
N CYS B 12 -3.52 -30.33 3.40
CA CYS B 12 -2.34 -29.53 3.75
C CYS B 12 -1.39 -29.46 2.60
N CYS B 13 -0.79 -28.28 2.43
CA CYS B 13 0.11 -28.02 1.32
C CYS B 13 1.44 -27.52 1.85
N ILE B 14 2.51 -28.07 1.30
CA ILE B 14 3.80 -27.75 1.85
C ILE B 14 4.66 -27.11 0.80
N LEU B 15 5.24 -25.98 1.13
CA LEU B 15 6.14 -25.36 0.19
C LEU B 15 7.42 -24.87 0.84
N GLY B 16 8.53 -25.14 0.17
CA GLY B 16 9.79 -24.52 0.49
C GLY B 16 10.71 -24.79 -0.67
N HIS B 17 11.75 -23.98 -0.83
CA HIS B 17 12.74 -24.34 -1.82
C HIS B 17 13.43 -25.64 -1.39
N VAL B 18 13.94 -26.39 -2.37
CA VAL B 18 14.69 -27.64 -2.17
C VAL B 18 15.78 -27.53 -1.07
N ASP B 19 16.56 -26.44 -1.13
CA ASP B 19 17.70 -26.19 -0.24
C ASP B 19 17.34 -26.02 1.25
N THR B 20 16.07 -25.76 1.53
CA THR B 20 15.59 -25.70 2.90
C THR B 20 15.48 -27.11 3.47
N GLY B 21 15.49 -28.10 2.59
CA GLY B 21 15.33 -29.49 2.98
C GLY B 21 13.87 -29.82 3.06
N LYS B 22 13.03 -28.93 2.52
CA LYS B 22 11.60 -29.17 2.44
C LYS B 22 11.28 -30.57 1.97
N THR B 23 12.07 -31.06 1.01
CA THR B 23 11.83 -32.32 0.32
C THR B 23 12.23 -33.51 1.18
N LYS B 24 13.41 -33.45 1.79
CA LYS B 24 13.79 -34.48 2.75
C LYS B 24 12.82 -34.46 3.93
N LEU B 25 12.32 -33.28 4.29
CA LEU B 25 11.40 -33.14 5.41
C LEU B 25 10.10 -33.86 5.11
N LEU B 26 9.58 -33.68 3.91
CA LEU B 26 8.34 -34.33 3.58
C LEU B 26 8.56 -35.81 3.49
N ASP B 27 9.72 -36.21 2.97
CA ASP B 27 10.05 -37.61 2.86
C ASP B 27 10.08 -38.24 4.24
N LYS B 28 10.67 -37.51 5.19
CA LYS B 28 10.76 -37.94 6.57
C LYS B 28 9.37 -38.05 7.19
N ILE B 29 8.51 -37.08 6.92
CA ILE B 29 7.11 -37.14 7.38
C ILE B 29 6.40 -38.34 6.75
N ARG B 30 6.67 -38.56 5.47
CA ARG B 30 6.01 -39.61 4.73
C ARG B 30 6.43 -40.99 5.25
N GLN B 31 7.70 -41.13 5.64
CA GLN B 31 8.29 -42.43 5.96
C GLN B 31 7.54 -43.18 7.05
N THR B 32 7.33 -44.49 6.87
CA THR B 32 6.67 -45.32 7.89
C THR B 32 7.60 -45.53 9.07
N GLY B 41 -1.52 -47.47 6.79
CA GLY B 41 -0.94 -47.34 5.46
C GLY B 41 -1.00 -45.93 4.91
N ILE B 42 0.06 -45.16 5.14
CA ILE B 42 0.24 -43.85 4.49
C ILE B 42 0.27 -44.06 2.97
N THR B 43 -0.82 -43.72 2.31
CA THR B 43 -1.08 -44.12 0.92
C THR B 43 -0.69 -43.07 -0.09
N GLN B 44 -0.05 -43.53 -1.16
CA GLN B 44 0.36 -42.67 -2.24
C GLN B 44 -0.78 -42.53 -3.24
N GLN B 45 -1.57 -41.49 -3.05
CA GLN B 45 -2.66 -41.17 -3.97
C GLN B 45 -2.18 -40.32 -5.14
N ILE B 46 -3.14 -39.90 -5.97
CA ILE B 46 -2.90 -39.13 -7.20
C ILE B 46 -2.64 -37.64 -6.92
N GLY B 47 -1.38 -37.22 -7.13
CA GLY B 47 -0.95 -35.83 -6.89
C GLY B 47 -0.81 -35.46 -5.42
N ALA B 48 -1.12 -36.41 -4.53
CA ALA B 48 -1.13 -36.18 -3.08
C ALA B 48 -0.86 -37.46 -2.27
N THR B 49 -0.47 -37.28 -1.01
CA THR B 49 -0.20 -38.38 -0.09
C THR B 49 -1.22 -38.41 1.04
N TYR B 50 -1.71 -39.62 1.36
CA TYR B 50 -2.80 -39.75 2.33
C TYR B 50 -2.36 -40.38 3.64
N PHE B 51 -2.62 -39.66 4.73
CA PHE B 51 -2.27 -40.12 6.07
C PHE B 51 -3.53 -40.53 6.84
N PRO B 52 -3.79 -41.84 6.94
CA PRO B 52 -4.93 -42.29 7.77
C PRO B 52 -4.69 -41.98 9.25
N ILE B 53 -5.75 -41.57 9.93
CA ILE B 53 -5.64 -41.05 11.29
C ILE B 53 -4.82 -41.98 12.19
N ASP B 54 -4.98 -43.28 11.99
CA ASP B 54 -4.24 -44.25 12.77
C ASP B 54 -2.72 -44.04 12.60
N ALA B 55 -2.25 -43.94 11.35
CA ALA B 55 -0.85 -43.58 11.09
C ALA B 55 -0.41 -42.29 11.82
N ILE B 56 -1.26 -41.26 11.74
CA ILE B 56 -1.02 -39.99 12.43
C ILE B 56 -0.90 -40.21 13.94
N LYS B 57 -1.82 -40.98 14.52
CA LYS B 57 -1.75 -41.39 15.92
C LYS B 57 -0.36 -41.96 16.28
N ALA B 58 0.11 -42.91 15.48
CA ALA B 58 1.42 -43.52 15.69
C ALA B 58 2.54 -42.47 15.66
N LYS B 59 2.49 -41.58 14.68
CA LYS B 59 3.51 -40.56 14.53
C LYS B 59 3.48 -39.49 15.62
N THR B 60 2.37 -39.41 16.35
CA THR B 60 2.24 -38.35 17.34
C THR B 60 2.18 -38.84 18.78
N LYS B 61 2.26 -40.15 19.00
CA LYS B 61 2.13 -40.65 20.37
C LYS B 61 3.04 -39.91 21.34
N VAL B 62 4.28 -39.65 20.93
CA VAL B 62 5.22 -38.99 21.83
C VAL B 62 4.72 -37.61 22.26
N MET B 63 3.76 -37.05 21.54
CA MET B 63 3.16 -35.76 21.88
C MET B 63 2.30 -35.78 23.16
N ALA B 64 1.73 -36.95 23.44
CA ALA B 64 0.75 -37.08 24.52
C ALA B 64 1.26 -36.45 25.81
N GLU B 65 2.53 -36.65 26.08
CA GLU B 65 3.16 -36.09 27.25
C GLU B 65 3.03 -34.56 27.35
N TYR B 66 3.10 -33.83 26.25
CA TYR B 66 3.09 -32.35 26.34
C TYR B 66 1.76 -31.68 25.97
N GLU B 67 0.84 -32.42 25.34
CA GLU B 67 -0.47 -31.88 24.92
C GLU B 67 -1.59 -32.96 24.93
N LYS B 68 -2.84 -32.51 24.91
CA LYS B 68 -3.97 -33.40 24.74
C LYS B 68 -4.00 -33.91 23.32
N GLN B 69 -4.42 -35.15 23.14
CA GLN B 69 -4.59 -35.70 21.80
C GLN B 69 -6.08 -35.83 21.46
N THR B 70 -6.47 -35.32 20.29
CA THR B 70 -7.85 -35.47 19.80
C THR B 70 -7.84 -36.04 18.38
N PHE B 71 -8.75 -36.98 18.10
CA PHE B 71 -8.83 -37.62 16.77
C PHE B 71 -10.26 -37.66 16.25
N ASP B 72 -10.72 -36.54 15.70
CA ASP B 72 -12.09 -36.46 15.21
C ASP B 72 -12.20 -36.79 13.72
N VAL B 73 -11.05 -36.85 13.05
CA VAL B 73 -11.02 -36.92 11.57
C VAL B 73 -10.47 -38.24 11.07
N PRO B 74 -10.91 -38.70 9.88
CA PRO B 74 -10.50 -39.99 9.30
C PRO B 74 -9.01 -40.03 8.96
N GLY B 75 -8.47 -38.91 8.51
CA GLY B 75 -7.05 -38.76 8.27
C GLY B 75 -6.67 -37.38 7.79
N LEU B 76 -5.63 -37.31 6.98
CA LEU B 76 -5.07 -36.05 6.55
C LEU B 76 -4.48 -36.18 5.15
N LEU B 77 -4.65 -35.13 4.35
CA LEU B 77 -4.21 -35.13 2.96
C LEU B 77 -3.13 -34.09 2.78
N VAL B 78 -1.95 -34.50 2.31
CA VAL B 78 -0.88 -33.54 2.10
C VAL B 78 -0.50 -33.43 0.63
N ILE B 79 -0.35 -32.20 0.14
CA ILE B 79 0.00 -31.93 -1.26
C ILE B 79 1.41 -31.35 -1.33
N ASP B 80 2.30 -32.08 -2.01
CA ASP B 80 3.63 -31.59 -2.34
C ASP B 80 3.40 -30.37 -3.22
N THR B 81 4.37 -29.46 -3.26
CA THR B 81 4.24 -28.26 -4.10
C THR B 81 5.57 -27.63 -4.48
N PRO B 82 6.34 -28.31 -5.35
CA PRO B 82 7.50 -27.62 -5.90
C PRO B 82 7.04 -26.47 -6.79
N GLY B 83 5.98 -26.71 -7.56
CA GLY B 83 5.45 -25.77 -8.54
C GLY B 83 5.21 -24.36 -8.07
N HIS B 84 5.97 -23.43 -8.65
CA HIS B 84 5.92 -22.00 -8.35
C HIS B 84 4.64 -21.40 -8.90
N GLU B 85 4.20 -21.94 -10.03
CA GLU B 85 2.87 -21.68 -10.57
C GLU B 85 1.81 -22.50 -9.82
N SER B 86 2.17 -23.72 -9.43
CA SER B 86 1.21 -24.75 -9.00
C SER B 86 0.43 -24.43 -7.72
N PHE B 87 1.10 -23.90 -6.71
CA PHE B 87 0.45 -23.61 -5.43
C PHE B 87 -0.67 -22.58 -5.58
N SER B 88 -0.35 -21.52 -6.30
CA SER B 88 -1.31 -20.49 -6.58
C SER B 88 -2.47 -21.16 -7.28
N ASN B 89 -2.20 -22.20 -8.04
CA ASN B 89 -3.30 -22.82 -8.76
C ASN B 89 -4.37 -23.40 -7.84
N LEU B 90 -3.95 -24.12 -6.81
CA LEU B 90 -4.92 -24.66 -5.84
C LEU B 90 -5.60 -23.53 -5.10
N ARG B 91 -4.79 -22.54 -4.76
CA ARG B 91 -5.16 -21.44 -3.91
C ARG B 91 -5.79 -20.36 -4.75
N SER B 92 -6.77 -19.68 -4.19
CA SER B 92 -7.40 -18.57 -4.90
C SER B 92 -7.84 -17.52 -3.90
N ARG B 93 -7.83 -16.26 -4.33
CA ARG B 93 -8.19 -15.15 -3.43
C ARG B 93 -9.62 -15.33 -2.94
N GLY B 94 -10.50 -15.76 -3.84
CA GLY B 94 -11.87 -16.13 -3.48
C GLY B 94 -11.89 -17.32 -2.52
N SER B 95 -11.10 -18.34 -2.82
CA SER B 95 -11.05 -19.55 -2.01
C SER B 95 -9.68 -20.23 -2.06
N SER B 96 -9.33 -20.97 -1.01
CA SER B 96 -8.10 -21.78 -1.00
C SER B 96 -8.41 -23.24 -0.78
N LEU B 97 -7.86 -24.09 -1.62
CA LEU B 97 -8.10 -25.52 -1.54
C LEU B 97 -7.44 -26.16 -0.33
N CYS B 98 -6.26 -25.66 0.04
CA CYS B 98 -5.49 -26.14 1.21
C CYS B 98 -6.00 -25.47 2.45
N ASN B 99 -6.49 -26.27 3.39
CA ASN B 99 -6.97 -25.76 4.67
C ASN B 99 -5.83 -25.11 5.43
N ILE B 100 -4.64 -25.69 5.31
CA ILE B 100 -3.44 -25.17 5.99
C ILE B 100 -2.17 -25.43 5.18
N ALA B 101 -1.22 -24.52 5.31
CA ALA B 101 0.06 -24.63 4.62
C ALA B 101 1.27 -24.74 5.56
N ILE B 102 2.31 -25.41 5.09
CA ILE B 102 3.50 -25.61 5.91
C ILE B 102 4.65 -24.92 5.20
N LEU B 103 5.18 -23.87 5.78
CA LEU B 103 6.28 -23.16 5.14
C LEU B 103 7.62 -23.60 5.71
N VAL B 104 8.57 -24.01 4.88
CA VAL B 104 9.86 -24.48 5.43
C VAL B 104 10.99 -23.44 5.47
N ILE B 105 11.51 -23.17 6.66
CA ILE B 105 12.65 -22.25 6.77
C ILE B 105 13.87 -22.91 7.41
N ASP B 106 15.04 -22.68 6.85
CA ASP B 106 16.29 -23.29 7.30
C ASP B 106 16.84 -22.51 8.45
N ILE B 107 16.96 -23.14 9.62
CA ILE B 107 17.46 -22.47 10.83
C ILE B 107 18.94 -22.04 10.72
N MET B 108 19.68 -22.72 9.87
CA MET B 108 21.03 -22.32 9.58
C MET B 108 21.10 -21.01 8.78
N HIS B 109 20.12 -20.82 7.90
CA HIS B 109 20.13 -19.73 6.94
C HIS B 109 19.31 -18.53 7.35
N GLY B 110 18.12 -18.79 7.85
CA GLY B 110 17.19 -17.71 8.15
C GLY B 110 16.43 -17.43 6.87
N LEU B 111 15.91 -16.21 6.77
CA LEU B 111 15.11 -15.80 5.64
C LEU B 111 15.91 -15.80 4.34
N GLU B 112 15.30 -16.38 3.31
CA GLU B 112 15.88 -16.43 1.97
C GLU B 112 14.88 -15.88 0.95
N GLN B 113 15.36 -15.57 -0.24
CA GLN B 113 14.54 -14.85 -1.23
C GLN B 113 13.22 -15.54 -1.55
N GLN B 114 13.26 -16.86 -1.72
CA GLN B 114 12.08 -17.63 -2.09
C GLN B 114 11.07 -17.71 -0.94
N THR B 115 11.59 -17.78 0.28
CA THR B 115 10.78 -17.71 1.50
C THR B 115 10.00 -16.40 1.53
N ILE B 116 10.69 -15.28 1.24
CA ILE B 116 10.05 -13.96 1.24
C ILE B 116 8.83 -13.99 0.33
N GLU B 117 9.04 -14.54 -0.86
CA GLU B 117 8.02 -14.68 -1.89
C GLU B 117 6.84 -15.52 -1.41
N SER B 118 7.12 -16.73 -0.94
CA SER B 118 6.09 -17.63 -0.39
C SER B 118 5.23 -16.95 0.66
N ILE B 119 5.89 -16.24 1.58
CA ILE B 119 5.23 -15.44 2.62
C ILE B 119 4.24 -14.47 1.98
N LYS B 120 4.73 -13.66 1.03
CA LYS B 120 3.91 -12.72 0.29
C LYS B 120 2.73 -13.45 -0.34
N LEU B 121 3.03 -14.55 -1.02
CA LEU B 121 2.03 -15.39 -1.70
C LEU B 121 0.93 -15.87 -0.76
N LEU B 122 1.32 -16.42 0.38
CA LEU B 122 0.35 -16.92 1.36
C LEU B 122 -0.44 -15.79 2.00
N ARG B 123 0.24 -14.68 2.29
CA ARG B 123 -0.40 -13.47 2.80
C ARG B 123 -1.26 -12.78 1.75
N ASP B 124 -1.35 -13.36 0.55
CA ASP B 124 -2.15 -12.78 -0.53
C ASP B 124 -3.46 -13.51 -0.72
N ARG B 125 -3.36 -14.84 -0.76
CA ARG B 125 -4.50 -15.73 -0.84
C ARG B 125 -5.23 -15.84 0.50
N LYS B 126 -4.71 -15.18 1.53
CA LYS B 126 -5.22 -15.33 2.88
C LYS B 126 -5.31 -16.81 3.29
N ALA B 127 -4.24 -17.54 2.96
CA ALA B 127 -4.13 -18.96 3.26
C ALA B 127 -3.32 -19.16 4.54
N PRO B 128 -3.94 -19.78 5.56
CA PRO B 128 -3.31 -19.92 6.87
C PRO B 128 -2.16 -20.93 6.82
N PHE B 129 -1.07 -20.63 7.52
CA PHE B 129 0.08 -21.53 7.53
C PHE B 129 0.81 -21.60 8.85
N VAL B 130 1.72 -22.55 8.94
CA VAL B 130 2.63 -22.74 10.06
C VAL B 130 4.03 -22.85 9.46
N VAL B 131 5.04 -22.52 10.25
CA VAL B 131 6.39 -22.71 9.78
C VAL B 131 7.12 -23.91 10.41
N ALA B 132 7.70 -24.75 9.57
CA ALA B 132 8.61 -25.79 10.01
C ALA B 132 10.01 -25.18 9.98
N LEU B 133 10.53 -24.84 11.15
CA LEU B 133 11.91 -24.34 11.26
C LEU B 133 12.87 -25.53 11.22
N ASN B 134 13.27 -25.87 10.00
CA ASN B 134 13.99 -27.11 9.68
C ASN B 134 15.46 -27.03 9.96
N LYS B 135 16.10 -28.18 9.92
CA LYS B 135 17.55 -28.34 10.04
C LYS B 135 18.13 -28.16 11.46
N ILE B 136 17.31 -28.49 12.46
CA ILE B 136 17.69 -28.39 13.87
C ILE B 136 18.92 -29.24 14.21
N ASP B 137 19.04 -30.33 13.49
CA ASP B 137 20.11 -31.29 13.68
C ASP B 137 21.43 -30.63 13.43
N ARG B 138 21.40 -29.48 12.75
CA ARG B 138 22.64 -28.82 12.34
C ARG B 138 23.18 -28.00 13.47
N LEU B 139 22.46 -27.99 14.59
CA LEU B 139 22.88 -27.17 15.70
C LEU B 139 24.21 -27.73 16.11
N TYR B 140 25.05 -26.86 16.62
CA TYR B 140 26.46 -27.14 16.82
C TYR B 140 26.75 -28.37 17.68
N ASP B 141 25.98 -28.55 18.75
CA ASP B 141 26.17 -29.68 19.64
C ASP B 141 24.89 -30.50 19.78
N TRP B 142 24.08 -30.53 18.72
CA TRP B 142 22.80 -31.23 18.84
C TRP B 142 23.10 -32.68 18.91
N LYS B 143 22.41 -33.38 19.81
CA LYS B 143 22.64 -34.80 19.99
C LYS B 143 21.29 -35.44 19.91
N ALA B 144 21.02 -35.96 18.71
CA ALA B 144 19.70 -36.28 18.20
C ALA B 144 19.09 -37.52 18.79
N ILE B 145 17.76 -37.46 18.86
CA ILE B 145 16.97 -38.54 19.41
C ILE B 145 15.87 -38.79 18.36
N PRO B 146 16.15 -39.73 17.43
CA PRO B 146 15.31 -39.85 16.23
C PRO B 146 13.82 -39.91 16.58
N ASN B 147 13.01 -39.25 15.76
CA ASN B 147 11.56 -39.25 15.86
C ASN B 147 10.97 -38.76 17.16
N ASN B 148 11.81 -38.21 18.03
CA ASN B 148 11.32 -37.62 19.25
C ASN B 148 10.50 -36.37 18.96
N SER B 149 9.72 -35.94 19.94
CA SER B 149 9.10 -34.63 19.92
C SER B 149 10.20 -33.58 20.09
N PHE B 150 9.92 -32.36 19.65
CA PHE B 150 10.89 -31.29 19.77
C PHE B 150 11.15 -30.95 21.22
N ARG B 151 10.08 -30.80 22.00
CA ARG B 151 10.24 -30.33 23.37
C ARG B 151 11.00 -31.31 24.24
N ASP B 152 10.76 -32.60 24.01
CA ASP B 152 11.53 -33.61 24.71
C ASP B 152 13.01 -33.53 24.38
N SER B 153 13.35 -33.56 23.09
CA SER B 153 14.76 -33.55 22.67
C SER B 153 15.46 -32.33 23.20
N PHE B 154 14.76 -31.20 23.14
CA PHE B 154 15.37 -29.91 23.40
C PHE B 154 15.76 -29.81 24.84
N ALA B 155 14.90 -30.33 25.71
CA ALA B 155 15.15 -30.32 27.15
C ALA B 155 16.42 -31.08 27.44
N LYS B 156 16.62 -32.16 26.68
CA LYS B 156 17.79 -33.03 26.87
C LYS B 156 19.11 -32.50 26.33
N GLN B 157 19.11 -31.32 25.69
CA GLN B 157 20.29 -30.75 25.04
C GLN B 157 21.05 -29.75 25.93
N SER B 158 22.34 -29.56 25.63
CA SER B 158 23.18 -28.69 26.49
C SER B 158 22.91 -27.20 26.41
N ARG B 159 23.62 -26.45 27.25
CA ARG B 159 23.58 -25.00 27.24
C ARG B 159 23.97 -24.48 25.87
N ALA B 160 25.11 -24.97 25.38
CA ALA B 160 25.57 -24.68 24.02
C ALA B 160 24.40 -24.73 23.03
N VAL B 161 23.71 -25.86 22.97
CA VAL B 161 22.63 -26.05 22.04
C VAL B 161 21.52 -25.06 22.34
N GLN B 162 21.13 -24.98 23.61
CA GLN B 162 20.03 -24.11 24.01
C GLN B 162 20.32 -22.66 23.61
N GLU B 163 21.55 -22.22 23.90
CA GLU B 163 22.04 -20.89 23.55
C GLU B 163 21.92 -20.61 22.06
N GLU B 164 22.52 -21.49 21.27
CA GLU B 164 22.63 -21.27 19.84
C GLU B 164 21.27 -21.31 19.16
N PHE B 165 20.37 -22.15 19.64
CA PHE B 165 19.04 -22.16 19.08
C PHE B 165 18.34 -20.86 19.38
N GLN B 166 18.41 -20.39 20.63
CA GLN B 166 17.79 -19.12 21.01
C GLN B 166 18.30 -18.01 20.12
N SER B 167 19.60 -18.05 19.86
CA SER B 167 20.25 -17.06 19.02
C SER B 167 19.69 -17.01 17.59
N ARG B 168 19.75 -18.13 16.89
CA ARG B 168 19.27 -18.22 15.51
C ARG B 168 17.79 -17.98 15.47
N TYR B 169 17.06 -18.59 16.39
CA TYR B 169 15.62 -18.49 16.40
C TYR B 169 15.17 -17.07 16.58
N SER B 170 15.69 -16.41 17.62
CA SER B 170 15.29 -15.03 17.92
C SER B 170 15.54 -14.11 16.73
N LYS B 171 16.62 -14.39 15.99
CA LYS B 171 16.98 -13.59 14.84
C LYS B 171 16.01 -13.83 13.69
N ILE B 172 15.74 -15.09 13.41
CA ILE B 172 14.76 -15.45 12.36
C ILE B 172 13.37 -14.89 12.68
N GLN B 173 13.07 -14.83 13.98
CA GLN B 173 11.81 -14.31 14.46
C GLN B 173 11.68 -12.85 14.06
N LEU B 174 12.79 -12.12 14.22
CA LEU B 174 12.93 -10.73 13.81
C LEU B 174 12.75 -10.55 12.28
N GLU B 175 13.43 -11.39 11.51
CA GLU B 175 13.35 -11.35 10.05
C GLU B 175 11.91 -11.56 9.57
N LEU B 176 11.20 -12.46 10.23
CA LEU B 176 9.79 -12.70 9.94
C LEU B 176 8.93 -11.50 10.29
N ALA B 177 9.26 -10.87 11.41
CA ALA B 177 8.59 -9.64 11.84
C ALA B 177 8.75 -8.59 10.76
N GLU B 178 9.92 -8.55 10.12
CA GLU B 178 10.19 -7.62 9.03
C GLU B 178 9.28 -7.84 7.83
N GLN B 179 8.84 -9.06 7.60
CA GLN B 179 7.89 -9.28 6.52
C GLN B 179 6.46 -9.14 7.04
N GLY B 180 6.33 -8.54 8.23
CA GLY B 180 5.02 -8.27 8.84
C GLY B 180 4.35 -9.44 9.54
N LEU B 181 5.15 -10.47 9.85
CA LEU B 181 4.64 -11.69 10.48
C LEU B 181 4.98 -11.83 11.95
N ASN B 182 3.91 -11.91 12.76
CA ASN B 182 4.04 -12.34 14.15
C ASN B 182 4.25 -13.84 14.22
N SER B 183 5.33 -14.27 14.89
CA SER B 183 5.68 -15.68 14.97
C SER B 183 6.26 -16.09 16.33
N GLU B 184 5.86 -17.27 16.78
CA GLU B 184 6.34 -17.78 18.06
C GLU B 184 6.48 -19.31 18.02
N LEU B 185 7.32 -19.88 18.87
CA LEU B 185 7.30 -21.33 19.12
C LEU B 185 5.85 -21.76 19.30
N TYR B 186 5.44 -22.86 18.67
CA TYR B 186 4.03 -23.21 18.63
C TYR B 186 3.44 -23.32 20.04
N PHE B 187 4.18 -24.00 20.91
CA PHE B 187 3.77 -24.24 22.30
C PHE B 187 3.78 -22.97 23.16
N GLN B 188 4.47 -21.93 22.70
CA GLN B 188 4.48 -20.61 23.35
C GLN B 188 3.54 -19.60 22.68
N ASN B 189 2.64 -20.08 21.83
CA ASN B 189 1.77 -19.19 21.07
C ASN B 189 0.45 -18.84 21.76
N LYS B 190 0.37 -17.59 22.20
CA LYS B 190 -0.80 -17.05 22.91
C LYS B 190 -2.02 -16.82 22.01
N ASN B 191 -1.77 -16.64 20.71
CA ASN B 191 -2.84 -16.30 19.79
C ASN B 191 -2.70 -17.02 18.45
N MET B 192 -2.89 -18.34 18.46
CA MET B 192 -2.73 -19.17 17.26
C MET B 192 -3.51 -18.67 16.04
N SER B 193 -4.56 -17.89 16.27
CA SER B 193 -5.39 -17.37 15.19
C SER B 193 -4.78 -16.18 14.45
N LYS B 194 -3.88 -15.46 15.11
CA LYS B 194 -3.20 -14.30 14.50
C LYS B 194 -1.69 -14.53 14.31
N TYR B 195 -1.04 -15.12 15.32
CA TYR B 195 0.40 -15.33 15.25
C TYR B 195 0.78 -16.68 14.64
N VAL B 196 1.74 -16.65 13.71
CA VAL B 196 2.13 -17.86 13.01
C VAL B 196 3.00 -18.71 13.93
N SER B 197 2.61 -19.97 14.09
CA SER B 197 3.36 -20.88 14.92
C SER B 197 4.59 -21.45 14.22
N ILE B 198 5.67 -21.58 14.99
CA ILE B 198 6.92 -22.16 14.55
C ILE B 198 7.13 -23.56 15.19
N VAL B 199 7.36 -24.58 14.36
CA VAL B 199 7.65 -25.91 14.87
C VAL B 199 9.07 -26.24 14.44
N PRO B 200 10.00 -26.34 15.38
CA PRO B 200 11.33 -26.68 14.85
C PRO B 200 11.36 -28.15 14.45
N THR B 201 11.99 -28.47 13.33
CA THR B 201 11.99 -29.84 12.85
C THR B 201 13.34 -30.25 12.29
N SER B 202 13.49 -31.55 12.04
CA SER B 202 14.66 -32.08 11.34
C SER B 202 14.21 -33.11 10.34
N ALA B 203 14.54 -32.86 9.08
CA ALA B 203 14.26 -33.79 8.01
C ALA B 203 15.15 -35.02 8.21
N VAL B 204 16.35 -34.81 8.74
CA VAL B 204 17.29 -35.89 9.03
C VAL B 204 16.87 -36.83 10.13
N THR B 205 16.62 -36.32 11.34
CA THR B 205 16.41 -37.14 12.51
C THR B 205 14.95 -37.40 12.84
N GLY B 206 14.04 -36.79 12.11
CA GLY B 206 12.61 -37.02 12.40
C GLY B 206 12.10 -36.17 13.57
N GLU B 207 13.01 -35.51 14.29
CA GLU B 207 12.65 -34.68 15.44
C GLU B 207 11.73 -33.53 15.01
N GLY B 208 10.74 -33.20 15.83
CA GLY B 208 9.81 -32.14 15.48
C GLY B 208 8.66 -32.59 14.58
N VAL B 209 8.89 -33.58 13.73
CA VAL B 209 7.79 -34.13 12.93
C VAL B 209 6.54 -34.40 13.80
N PRO B 210 6.70 -35.05 14.98
CA PRO B 210 5.47 -35.32 15.71
C PRO B 210 4.77 -34.04 16.14
N ASP B 211 5.53 -33.01 16.52
CA ASP B 211 5.00 -31.70 16.87
C ASP B 211 4.22 -31.11 15.70
N LEU B 212 4.83 -31.06 14.54
CA LEU B 212 4.17 -30.54 13.35
C LEU B 212 2.85 -31.31 13.05
N LEU B 213 2.90 -32.63 13.01
CA LEU B 213 1.71 -33.41 12.78
C LEU B 213 0.66 -33.11 13.83
N TRP B 214 1.05 -33.10 15.11
CA TRP B 214 0.07 -32.76 16.14
C TRP B 214 -0.52 -31.39 15.90
N LEU B 215 0.34 -30.41 15.57
CA LEU B 215 -0.10 -29.04 15.36
C LEU B 215 -1.14 -28.90 14.26
N LEU B 216 -1.02 -29.69 13.20
CA LEU B 216 -1.94 -29.57 12.09
C LEU B 216 -3.32 -30.01 12.49
N LEU B 217 -3.41 -31.07 13.29
CA LEU B 217 -4.73 -31.50 13.79
C LEU B 217 -5.33 -30.47 14.76
N GLU B 218 -4.49 -29.94 15.64
CA GLU B 218 -4.87 -28.88 16.57
C GLU B 218 -5.36 -27.61 15.86
N LEU B 219 -4.80 -27.30 14.69
CA LEU B 219 -5.23 -26.12 13.99
C LEU B 219 -6.38 -26.38 13.03
N THR B 220 -6.74 -27.63 12.82
CA THR B 220 -7.78 -27.95 11.85
C THR B 220 -9.05 -28.51 12.47
N GLN B 221 -8.91 -29.55 13.29
CA GLN B 221 -10.07 -30.29 13.83
C GLN B 221 -11.16 -29.43 14.47
N LYS B 222 -10.76 -28.45 15.28
CA LYS B 222 -11.72 -27.55 15.88
C LYS B 222 -11.75 -26.18 15.21
N ARG B 223 -10.56 -25.61 15.01
CA ARG B 223 -10.45 -24.27 14.46
C ARG B 223 -10.96 -24.11 13.02
N MET B 224 -11.09 -25.22 12.30
CA MET B 224 -11.58 -25.18 10.92
C MET B 224 -12.70 -26.19 10.63
N SER B 225 -13.17 -26.88 11.68
CA SER B 225 -14.22 -27.89 11.56
C SER B 225 -15.33 -27.50 10.58
N LYS B 226 -15.80 -26.25 10.68
CA LYS B 226 -16.78 -25.71 9.75
C LYS B 226 -16.47 -26.02 8.29
N GLN B 227 -15.25 -25.67 7.86
CA GLN B 227 -14.78 -25.94 6.50
C GLN B 227 -14.65 -27.44 6.22
N LEU B 228 -14.42 -28.21 7.29
CA LEU B 228 -14.27 -29.66 7.20
C LEU B 228 -15.61 -30.39 7.22
N MET B 229 -16.69 -29.65 7.47
CA MET B 229 -18.03 -30.22 7.49
C MET B 229 -18.34 -30.89 6.15
N TYR B 230 -18.53 -32.20 6.20
CA TYR B 230 -18.83 -32.97 4.99
C TYR B 230 -20.15 -32.52 4.40
N LEU B 231 -20.21 -32.46 3.08
CA LEU B 231 -21.44 -32.21 2.34
C LEU B 231 -21.75 -33.42 1.46
N SER B 232 -22.99 -33.90 1.50
CA SER B 232 -23.37 -35.11 0.75
C SER B 232 -23.19 -34.93 -0.75
N HIS B 233 -23.59 -33.77 -1.25
CA HIS B 233 -23.45 -33.44 -2.66
C HIS B 233 -21.98 -33.34 -3.01
N VAL B 234 -21.61 -33.92 -4.14
CA VAL B 234 -20.23 -33.98 -4.56
C VAL B 234 -19.67 -32.60 -4.91
N GLU B 235 -18.53 -32.28 -4.33
CA GLU B 235 -17.76 -31.10 -4.69
C GLU B 235 -16.34 -31.56 -5.03
N ALA B 236 -15.84 -31.12 -6.18
CA ALA B 236 -14.51 -31.51 -6.67
C ALA B 236 -13.83 -30.40 -7.47
N THR B 237 -12.50 -30.48 -7.58
CA THR B 237 -11.69 -29.47 -8.27
C THR B 237 -10.60 -30.18 -9.02
N ILE B 238 -10.46 -29.84 -10.31
CA ILE B 238 -9.37 -30.35 -11.15
C ILE B 238 -8.04 -29.63 -10.92
N LEU B 239 -7.00 -30.45 -10.85
CA LEU B 239 -5.68 -29.95 -10.58
C LEU B 239 -4.84 -30.09 -11.84
N GLU B 240 -5.09 -31.15 -12.60
CA GLU B 240 -4.31 -31.42 -13.81
C GLU B 240 -5.07 -32.20 -14.88
N VAL B 241 -4.75 -31.91 -16.14
CA VAL B 241 -5.25 -32.67 -17.27
C VAL B 241 -4.03 -33.25 -17.99
N LYS B 242 -4.03 -34.57 -18.17
CA LYS B 242 -2.89 -35.23 -18.81
C LYS B 242 -3.36 -36.40 -19.67
N VAL B 243 -2.69 -36.61 -20.81
CA VAL B 243 -2.98 -37.75 -21.69
C VAL B 243 -2.20 -38.97 -21.19
N VAL B 244 -2.90 -40.08 -20.95
CA VAL B 244 -2.27 -41.29 -20.40
C VAL B 244 -2.37 -42.42 -21.42
N GLU B 245 -1.27 -43.15 -21.62
CA GLU B 245 -1.25 -44.32 -22.52
C GLU B 245 -2.51 -45.19 -22.40
N GLY B 246 -3.01 -45.33 -21.17
CA GLY B 246 -4.19 -46.14 -20.89
C GLY B 246 -5.52 -45.69 -21.47
N PHE B 247 -5.83 -44.40 -21.37
CA PHE B 247 -7.16 -43.87 -21.75
C PHE B 247 -7.22 -42.49 -22.43
N GLY B 248 -6.23 -42.14 -23.25
CA GLY B 248 -6.18 -40.82 -23.88
C GLY B 248 -6.22 -39.71 -22.84
N THR B 249 -7.12 -38.74 -23.04
CA THR B 249 -7.25 -37.61 -22.10
C THR B 249 -7.77 -38.05 -20.72
N THR B 250 -7.17 -37.50 -19.66
CA THR B 250 -7.52 -37.82 -18.26
C THR B 250 -7.36 -36.62 -17.30
N ILE B 251 -8.06 -36.67 -16.18
CA ILE B 251 -8.01 -35.56 -15.23
C ILE B 251 -7.55 -35.93 -13.84
N ASP B 252 -6.63 -35.13 -13.31
CA ASP B 252 -6.19 -35.22 -11.92
C ASP B 252 -7.01 -34.23 -11.12
N VAL B 253 -7.82 -34.75 -10.20
CA VAL B 253 -8.76 -33.90 -9.50
C VAL B 253 -8.67 -34.11 -8.00
N ILE B 254 -8.91 -33.05 -7.24
CA ILE B 254 -9.05 -33.17 -5.80
C ILE B 254 -10.52 -33.23 -5.48
N LEU B 255 -10.97 -34.38 -5.02
CA LEU B 255 -12.33 -34.54 -4.55
C LEU B 255 -12.44 -34.02 -3.12
N SER B 256 -13.21 -32.95 -2.92
CA SER B 256 -13.30 -32.32 -1.61
C SER B 256 -14.58 -32.69 -0.86
N ASN B 257 -15.66 -33.01 -1.58
CA ASN B 257 -16.90 -33.53 -0.99
C ASN B 257 -17.64 -34.53 -1.87
N GLY B 258 -18.51 -35.34 -1.27
CA GLY B 258 -19.33 -36.31 -2.01
C GLY B 258 -18.65 -37.55 -2.57
N TYR B 259 -19.38 -38.23 -3.46
CA TYR B 259 -18.93 -39.46 -4.12
C TYR B 259 -18.71 -39.29 -5.63
N LEU B 260 -17.70 -39.97 -6.16
CA LEU B 260 -17.60 -40.14 -7.60
C LEU B 260 -17.71 -41.63 -7.91
N ARG B 261 -18.54 -41.99 -8.86
CA ARG B 261 -18.71 -43.39 -9.23
C ARG B 261 -18.76 -43.51 -10.74
N GLU B 262 -18.20 -44.59 -11.29
CA GLU B 262 -18.23 -44.78 -12.74
C GLU B 262 -19.65 -44.78 -13.28
N GLY B 263 -19.83 -44.17 -14.45
CA GLY B 263 -21.15 -43.96 -15.03
C GLY B 263 -21.67 -42.55 -14.83
N ASP B 264 -21.34 -41.93 -13.71
CA ASP B 264 -21.84 -40.59 -13.43
C ASP B 264 -21.68 -39.68 -14.65
N ARG B 265 -22.81 -39.13 -15.10
CA ARG B 265 -22.83 -38.06 -16.10
C ARG B 265 -22.31 -36.81 -15.42
N ILE B 266 -21.19 -36.29 -15.92
CA ILE B 266 -20.52 -35.18 -15.26
C ILE B 266 -20.53 -33.94 -16.15
N VAL B 267 -20.37 -32.79 -15.51
CA VAL B 267 -20.12 -31.53 -16.22
C VAL B 267 -18.85 -30.88 -15.68
N LEU B 268 -18.08 -30.30 -16.60
CA LEU B 268 -16.83 -29.66 -16.26
C LEU B 268 -16.54 -28.57 -17.27
N CYS B 269 -15.73 -27.62 -16.86
CA CYS B 269 -15.39 -26.50 -17.72
C CYS B 269 -14.28 -26.89 -18.71
N GLY B 270 -14.47 -26.56 -19.97
CA GLY B 270 -13.51 -26.86 -21.03
C GLY B 270 -13.01 -25.62 -21.76
N MET B 271 -11.87 -25.76 -22.42
CA MET B 271 -11.17 -24.64 -23.05
C MET B 271 -12.03 -23.90 -24.06
N ASN B 272 -12.80 -24.65 -24.85
CA ASN B 272 -13.71 -24.07 -25.83
C ASN B 272 -15.17 -24.28 -25.43
N GLY B 273 -15.44 -24.19 -24.12
CA GLY B 273 -16.81 -24.33 -23.61
C GLY B 273 -17.03 -25.58 -22.77
N PRO B 274 -18.25 -25.71 -22.17
CA PRO B 274 -18.58 -26.79 -21.22
C PRO B 274 -18.56 -28.20 -21.83
N ILE B 275 -18.08 -29.17 -21.08
CA ILE B 275 -17.98 -30.54 -21.55
C ILE B 275 -18.90 -31.41 -20.71
N VAL B 276 -19.84 -32.07 -21.37
CA VAL B 276 -20.77 -32.99 -20.71
C VAL B 276 -20.34 -34.41 -21.06
N THR B 277 -19.92 -35.17 -20.05
CA THR B 277 -19.37 -36.50 -20.29
C THR B 277 -19.79 -37.48 -19.17
N ASN B 278 -19.28 -38.71 -19.26
CA ASN B 278 -19.56 -39.76 -18.27
C ASN B 278 -18.26 -40.39 -17.78
N ILE B 279 -18.17 -40.65 -16.48
CA ILE B 279 -16.99 -41.30 -15.93
C ILE B 279 -16.90 -42.75 -16.41
N ARG B 280 -15.86 -43.04 -17.19
CA ARG B 280 -15.63 -44.39 -17.67
C ARG B 280 -14.83 -45.18 -16.63
N ALA B 281 -13.88 -44.51 -16.00
CA ALA B 281 -13.01 -45.11 -14.99
C ALA B 281 -12.66 -44.14 -13.84
N LEU B 282 -12.59 -44.69 -12.62
CA LEU B 282 -12.05 -43.98 -11.46
C LEU B 282 -10.73 -44.63 -11.10
N LEU B 283 -9.63 -43.91 -11.26
CA LEU B 283 -8.31 -44.51 -11.17
C LEU B 283 -7.48 -43.92 -10.05
N THR B 284 -6.82 -44.78 -9.28
CA THR B 284 -5.75 -44.34 -8.37
C THR B 284 -4.47 -45.10 -8.72
N PRO B 285 -3.29 -44.55 -8.37
CA PRO B 285 -2.04 -45.23 -8.73
C PRO B 285 -1.90 -46.60 -8.08
N GLN B 286 -1.34 -47.53 -8.84
CA GLN B 286 -1.02 -48.87 -8.36
C GLN B 286 0.32 -48.85 -7.60
N PRO B 287 0.28 -49.13 -6.28
CA PRO B 287 1.50 -49.07 -5.48
C PRO B 287 2.53 -50.14 -5.86
N LEU B 288 2.07 -51.36 -6.16
CA LEU B 288 2.95 -52.50 -6.46
C LEU B 288 2.39 -53.43 -7.57
N ARG B 289 3.20 -53.76 -8.57
CA ARG B 289 4.57 -53.27 -8.73
C ARG B 289 4.85 -53.04 -10.21
N LEU B 293 9.57 -45.32 -15.38
CA LEU B 293 8.84 -46.31 -14.57
C LEU B 293 7.44 -46.59 -15.11
N LYS B 294 7.26 -47.82 -15.62
CA LYS B 294 5.96 -48.29 -16.10
C LYS B 294 4.95 -48.24 -14.96
N SER B 295 3.75 -47.75 -15.28
CA SER B 295 2.71 -47.56 -14.28
C SER B 295 1.36 -48.16 -14.70
N GLU B 296 0.39 -48.06 -13.81
CA GLU B 296 -0.95 -48.61 -14.01
C GLU B 296 -1.78 -48.22 -12.80
N TYR B 297 -3.06 -48.55 -12.82
CA TYR B 297 -4.00 -47.94 -11.89
C TYR B 297 -5.03 -48.91 -11.33
N VAL B 298 -5.30 -48.77 -10.04
CA VAL B 298 -6.41 -49.46 -9.39
C VAL B 298 -7.71 -48.79 -9.87
N HIS B 299 -8.63 -49.61 -10.37
CA HIS B 299 -9.95 -49.16 -10.82
C HIS B 299 -10.96 -49.24 -9.68
N HIS B 300 -11.77 -48.19 -9.53
CA HIS B 300 -12.74 -48.13 -8.42
C HIS B 300 -14.13 -47.87 -8.97
N LYS B 301 -15.09 -48.66 -8.50
CA LYS B 301 -16.50 -48.47 -8.87
C LYS B 301 -17.03 -47.15 -8.32
N GLU B 302 -16.52 -46.76 -7.15
CA GLU B 302 -16.78 -45.44 -6.58
C GLU B 302 -15.65 -44.97 -5.66
N VAL B 303 -15.56 -43.65 -5.46
CA VAL B 303 -14.61 -43.06 -4.54
C VAL B 303 -15.31 -42.05 -3.61
N LYS B 304 -14.97 -42.14 -2.31
CA LYS B 304 -15.43 -41.15 -1.34
C LYS B 304 -14.63 -39.85 -1.52
N ALA B 305 -15.18 -38.75 -1.04
CA ALA B 305 -14.53 -37.45 -1.13
C ALA B 305 -13.24 -37.39 -0.31
N ALA B 306 -12.45 -36.34 -0.55
CA ALA B 306 -11.20 -36.08 0.17
C ALA B 306 -10.01 -36.83 -0.43
N LEU B 307 -10.17 -37.34 -1.64
CA LEU B 307 -9.08 -38.10 -2.29
C LEU B 307 -8.82 -37.65 -3.74
N GLY B 308 -7.56 -37.76 -4.17
CA GLY B 308 -7.18 -37.49 -5.57
C GLY B 308 -7.32 -38.68 -6.52
N VAL B 309 -7.61 -38.44 -7.80
CA VAL B 309 -7.85 -39.51 -8.76
C VAL B 309 -7.77 -39.06 -10.22
N LYS B 310 -7.43 -39.99 -11.12
CA LYS B 310 -7.53 -39.74 -12.57
C LYS B 310 -8.87 -40.24 -13.05
N ILE B 311 -9.76 -39.32 -13.44
CA ILE B 311 -11.05 -39.70 -13.99
C ILE B 311 -10.90 -39.90 -15.48
N ALA B 312 -10.94 -41.16 -15.91
CA ALA B 312 -10.87 -41.49 -17.34
C ALA B 312 -12.27 -41.53 -17.95
N ALA B 313 -12.54 -40.57 -18.81
CA ALA B 313 -13.78 -40.51 -19.55
C ALA B 313 -13.44 -40.03 -20.95
N ASN B 314 -14.20 -40.51 -21.94
CA ASN B 314 -13.90 -40.19 -23.34
C ASN B 314 -14.53 -38.85 -23.71
N ASP B 315 -14.04 -37.78 -23.10
CA ASP B 315 -14.45 -36.44 -23.46
C ASP B 315 -13.27 -35.66 -24.03
N LEU B 316 -12.06 -36.11 -23.69
CA LEU B 316 -10.82 -35.46 -24.11
C LEU B 316 -10.92 -33.98 -23.87
N GLU B 317 -10.68 -33.18 -24.91
CA GLU B 317 -11.07 -31.78 -24.95
C GLU B 317 -10.19 -30.81 -24.16
N LYS B 318 -9.15 -31.33 -23.50
CA LYS B 318 -8.24 -30.50 -22.71
C LYS B 318 -8.99 -29.52 -21.78
N ALA B 319 -9.97 -30.07 -21.06
CA ALA B 319 -10.73 -29.34 -20.05
C ALA B 319 -9.78 -28.54 -19.17
N VAL B 320 -10.19 -27.33 -18.78
CA VAL B 320 -9.30 -26.38 -18.12
C VAL B 320 -8.84 -26.81 -16.72
N SER B 321 -7.53 -26.84 -16.52
CA SER B 321 -6.94 -27.09 -15.22
C SER B 321 -7.44 -26.01 -14.26
N GLY B 322 -7.88 -26.41 -13.07
CA GLY B 322 -8.51 -25.47 -12.15
C GLY B 322 -10.03 -25.40 -12.28
N SER B 323 -10.59 -26.15 -13.22
CA SER B 323 -12.05 -26.19 -13.36
C SER B 323 -12.69 -26.94 -12.21
N ARG B 324 -13.89 -26.49 -11.86
CA ARG B 324 -14.74 -27.22 -10.95
C ARG B 324 -15.39 -28.33 -11.76
N LEU B 325 -15.71 -29.41 -11.08
CA LEU B 325 -16.33 -30.55 -11.71
C LEU B 325 -17.65 -30.79 -10.99
N LEU B 326 -18.69 -31.04 -11.76
CA LEU B 326 -20.00 -31.30 -11.16
C LEU B 326 -20.62 -32.56 -11.68
N VAL B 327 -21.34 -33.25 -10.80
CA VAL B 327 -22.15 -34.38 -11.23
C VAL B 327 -23.59 -33.89 -11.47
N VAL B 328 -24.02 -34.01 -12.71
CA VAL B 328 -25.36 -33.63 -13.07
C VAL B 328 -26.33 -34.74 -12.68
N GLY B 329 -27.29 -34.38 -11.83
CA GLY B 329 -28.29 -35.33 -11.35
C GLY B 329 -29.48 -35.43 -12.27
N PRO B 330 -30.24 -36.53 -12.17
CA PRO B 330 -31.46 -36.75 -12.93
C PRO B 330 -32.38 -35.53 -12.90
N GLU B 331 -32.69 -35.03 -11.71
CA GLU B 331 -33.58 -33.86 -11.54
C GLU B 331 -32.94 -32.49 -11.79
N ASP B 332 -31.61 -32.42 -11.70
CA ASP B 332 -30.88 -31.19 -11.99
C ASP B 332 -31.09 -30.80 -13.44
N ASP B 333 -31.39 -29.53 -13.69
CA ASP B 333 -31.31 -29.10 -15.06
C ASP B 333 -29.83 -29.09 -15.42
N GLU B 334 -29.47 -29.93 -16.39
CA GLU B 334 -28.10 -30.04 -16.89
C GLU B 334 -27.65 -28.68 -17.38
N ASP B 335 -28.51 -28.02 -18.14
CA ASP B 335 -28.19 -26.82 -18.88
C ASP B 335 -27.80 -25.63 -17.99
N GLU B 336 -28.26 -25.65 -16.74
CA GLU B 336 -27.98 -24.58 -15.77
C GLU B 336 -26.68 -24.82 -15.01
N LEU B 337 -26.37 -26.10 -14.79
CA LEU B 337 -25.14 -26.53 -14.12
C LEU B 337 -23.93 -26.36 -15.05
N MET B 338 -24.14 -26.67 -16.34
CA MET B 338 -23.20 -26.40 -17.43
C MET B 338 -22.78 -24.96 -17.35
N ASP B 339 -23.76 -24.13 -17.07
CA ASP B 339 -23.55 -22.70 -16.97
C ASP B 339 -22.87 -22.30 -15.67
N ASP B 340 -23.30 -22.88 -14.55
CA ASP B 340 -22.69 -22.61 -13.24
C ASP B 340 -21.15 -22.72 -13.28
N VAL B 341 -20.65 -23.86 -13.77
CA VAL B 341 -19.20 -24.12 -13.86
C VAL B 341 -18.44 -23.17 -14.81
N MET B 342 -19.16 -22.50 -15.71
CA MET B 342 -18.56 -21.56 -16.67
C MET B 342 -18.28 -20.19 -16.05
N ASP B 343 -19.11 -19.80 -15.10
CA ASP B 343 -19.08 -18.46 -14.50
C ASP B 343 -17.73 -18.07 -13.90
N ASP B 344 -16.98 -19.05 -13.40
CA ASP B 344 -15.65 -18.81 -12.85
C ASP B 344 -14.75 -18.22 -13.93
N LEU B 345 -14.78 -18.80 -15.13
CA LEU B 345 -14.03 -18.26 -16.24
C LEU B 345 -14.73 -17.06 -16.86
N THR B 346 -16.06 -17.11 -16.93
CA THR B 346 -16.87 -15.96 -17.34
C THR B 346 -16.40 -14.72 -16.58
N GLY B 347 -16.16 -14.88 -15.28
CA GLY B 347 -15.61 -13.81 -14.44
C GLY B 347 -14.19 -13.38 -14.76
N LEU B 348 -13.45 -14.21 -15.51
CA LEU B 348 -12.07 -13.88 -15.87
C LEU B 348 -12.02 -13.16 -17.19
N LEU B 349 -12.85 -13.61 -18.13
CA LEU B 349 -13.06 -12.89 -19.37
C LEU B 349 -13.27 -11.40 -19.07
N ASP B 350 -14.01 -11.13 -17.99
CA ASP B 350 -14.31 -9.77 -17.54
C ASP B 350 -13.07 -9.07 -17.00
N SER B 351 -12.19 -9.85 -16.38
CA SER B 351 -10.97 -9.35 -15.77
C SER B 351 -10.07 -8.61 -16.75
N VAL B 352 -9.99 -9.11 -17.99
CA VAL B 352 -9.16 -8.48 -19.01
C VAL B 352 -9.54 -7.02 -19.17
N ASP B 353 -8.53 -6.16 -19.28
CA ASP B 353 -8.75 -4.71 -19.42
C ASP B 353 -8.03 -4.12 -20.63
N THR B 354 -8.67 -4.19 -21.78
CA THR B 354 -8.14 -3.63 -23.03
C THR B 354 -8.38 -2.12 -23.09
N THR B 355 -7.74 -1.39 -22.18
CA THR B 355 -7.91 0.06 -22.08
C THR B 355 -6.60 0.79 -22.36
N GLY B 356 -6.66 1.75 -23.27
CA GLY B 356 -5.49 2.50 -23.68
C GLY B 356 -4.42 1.58 -24.22
N LYS B 357 -3.22 1.72 -23.68
CA LYS B 357 -2.06 0.93 -24.11
C LYS B 357 -1.56 0.04 -22.98
N GLY B 358 -1.32 -1.23 -23.30
CA GLY B 358 -0.96 -2.22 -22.29
C GLY B 358 0.10 -3.24 -22.67
N VAL B 359 0.48 -4.03 -21.68
CA VAL B 359 1.56 -5.01 -21.80
C VAL B 359 1.01 -6.38 -22.20
N VAL B 360 1.88 -7.19 -22.83
CA VAL B 360 1.59 -8.61 -23.07
C VAL B 360 2.10 -9.45 -21.91
N VAL B 361 1.22 -10.27 -21.35
CA VAL B 361 1.57 -11.17 -20.26
C VAL B 361 1.37 -12.63 -20.63
N GLN B 362 2.38 -13.44 -20.34
CA GLN B 362 2.28 -14.88 -20.56
C GLN B 362 2.69 -15.61 -19.28
N ALA B 363 1.86 -16.58 -18.90
CA ALA B 363 2.09 -17.42 -17.72
C ALA B 363 1.59 -18.85 -17.95
N SER B 364 2.08 -19.78 -17.13
CA SER B 364 1.82 -21.21 -17.30
C SER B 364 0.42 -21.74 -16.95
N THR B 365 -0.17 -21.26 -15.86
CA THR B 365 -1.40 -21.88 -15.31
C THR B 365 -2.46 -20.86 -14.87
N LEU B 366 -3.70 -21.35 -14.73
CA LEU B 366 -4.83 -20.58 -14.18
C LEU B 366 -4.46 -19.88 -12.86
N GLY B 367 -3.92 -20.65 -11.92
CA GLY B 367 -3.49 -20.12 -10.64
C GLY B 367 -2.51 -19.00 -10.86
N SER B 368 -1.41 -19.31 -11.54
CA SER B 368 -0.37 -18.33 -11.85
C SER B 368 -0.95 -17.12 -12.56
N LEU B 369 -1.84 -17.37 -13.52
CA LEU B 369 -2.48 -16.31 -14.29
C LEU B 369 -3.22 -15.32 -13.39
N GLU B 370 -4.15 -15.83 -12.58
CA GLU B 370 -4.88 -14.97 -11.65
C GLU B 370 -3.92 -14.19 -10.74
N ALA B 371 -2.86 -14.85 -10.28
CA ALA B 371 -1.82 -14.21 -9.47
C ALA B 371 -1.12 -13.08 -10.20
N LEU B 372 -0.76 -13.31 -11.47
CA LEU B 372 -0.08 -12.30 -12.26
C LEU B 372 -1.03 -11.12 -12.47
N LEU B 373 -2.26 -11.42 -12.87
CA LEU B 373 -3.27 -10.39 -13.10
C LEU B 373 -3.55 -9.58 -11.83
N ASP B 374 -3.65 -10.27 -10.69
CA ASP B 374 -3.86 -9.58 -9.41
C ASP B 374 -2.67 -8.71 -9.06
N PHE B 375 -1.46 -9.21 -9.28
CA PHE B 375 -0.25 -8.42 -9.07
C PHE B 375 -0.22 -7.18 -9.98
N LEU B 376 -0.61 -7.36 -11.25
CA LEU B 376 -0.63 -6.27 -12.22
C LEU B 376 -1.74 -5.25 -11.93
N LYS B 377 -2.88 -5.75 -11.48
CA LYS B 377 -4.03 -4.92 -11.07
C LYS B 377 -3.63 -3.93 -9.98
N ASP B 378 -2.75 -4.35 -9.08
CA ASP B 378 -2.27 -3.51 -7.98
C ASP B 378 -1.17 -2.55 -8.40
N MET B 379 -0.41 -2.94 -9.42
CA MET B 379 0.55 -2.03 -10.03
C MET B 379 -0.21 -1.06 -10.92
N LYS B 380 -1.48 -1.41 -11.18
CA LYS B 380 -2.36 -0.66 -12.06
C LYS B 380 -1.85 -0.60 -13.49
N ILE B 381 -1.29 -1.71 -13.96
CA ILE B 381 -0.87 -1.84 -15.35
C ILE B 381 -1.97 -2.56 -16.12
N PRO B 382 -2.45 -1.96 -17.23
CA PRO B 382 -3.48 -2.66 -18.01
C PRO B 382 -2.87 -3.83 -18.77
N VAL B 383 -3.68 -4.84 -19.03
CA VAL B 383 -3.22 -6.05 -19.70
C VAL B 383 -3.69 -6.09 -21.15
N MET B 384 -2.85 -5.57 -22.04
CA MET B 384 -3.17 -5.58 -23.46
C MET B 384 -3.66 -6.97 -23.87
N SER B 385 -3.04 -7.99 -23.30
CA SER B 385 -3.41 -9.39 -23.52
C SER B 385 -2.73 -10.34 -22.53
N ILE B 386 -3.37 -11.49 -22.32
CA ILE B 386 -2.89 -12.54 -21.42
C ILE B 386 -2.86 -13.89 -22.17
N GLY B 387 -2.07 -14.85 -21.69
CA GLY B 387 -1.82 -16.06 -22.47
C GLY B 387 -1.94 -17.44 -21.83
N LEU B 388 -2.30 -18.42 -22.64
CA LEU B 388 -2.50 -19.82 -22.20
C LEU B 388 -1.68 -20.83 -23.01
N GLY B 389 -0.90 -21.64 -22.31
CA GLY B 389 -0.05 -22.66 -22.93
C GLY B 389 1.20 -22.07 -23.54
N PRO B 390 1.79 -22.77 -24.52
CA PRO B 390 2.94 -22.24 -25.27
C PRO B 390 2.60 -20.89 -25.89
N VAL B 391 3.59 -20.00 -25.98
CA VAL B 391 3.39 -18.64 -26.47
C VAL B 391 2.72 -18.62 -27.86
N TYR B 392 1.73 -17.75 -28.01
CA TYR B 392 0.98 -17.64 -29.26
C TYR B 392 1.21 -16.35 -30.05
N LYS B 393 1.28 -16.51 -31.38
CA LYS B 393 1.35 -15.40 -32.32
C LYS B 393 0.12 -14.51 -32.20
N ARG B 394 -1.06 -15.15 -32.23
CA ARG B 394 -2.34 -14.46 -32.08
C ARG B 394 -2.27 -13.42 -30.96
N ASP B 395 -2.00 -13.91 -29.75
CA ASP B 395 -2.00 -13.11 -28.53
C ASP B 395 -0.97 -11.98 -28.52
N VAL B 396 0.24 -12.27 -29.01
CA VAL B 396 1.32 -11.25 -29.07
C VAL B 396 1.05 -10.20 -30.17
N MET B 397 0.16 -10.54 -31.10
CA MET B 397 -0.18 -9.65 -32.20
C MET B 397 -1.10 -8.50 -31.78
N LYS B 398 -1.93 -8.73 -30.77
CA LYS B 398 -2.69 -7.65 -30.13
C LYS B 398 -1.68 -6.68 -29.53
N ALA B 399 -0.70 -7.27 -28.86
CA ALA B 399 0.35 -6.53 -28.16
C ALA B 399 1.43 -5.98 -29.10
N SER B 400 1.77 -6.73 -30.16
CA SER B 400 2.81 -6.33 -31.09
C SER B 400 2.50 -5.01 -31.79
N THR B 401 1.25 -4.85 -32.22
CA THR B 401 0.80 -3.59 -32.82
C THR B 401 0.99 -2.44 -31.84
N MET B 402 0.71 -2.75 -30.57
CA MET B 402 0.78 -1.77 -29.50
C MET B 402 2.22 -1.30 -29.26
N LEU B 403 3.19 -2.18 -29.49
CA LEU B 403 4.60 -1.80 -29.34
C LEU B 403 4.82 -0.57 -30.21
N GLU B 404 4.19 -0.60 -31.40
CA GLU B 404 4.22 0.54 -32.29
C GLU B 404 3.43 1.70 -31.68
N LYS B 405 2.26 1.39 -31.13
CA LYS B 405 1.38 2.40 -30.52
C LYS B 405 1.98 2.98 -29.24
N ALA B 406 2.46 2.09 -28.37
CA ALA B 406 3.18 2.48 -27.17
C ALA B 406 4.53 1.79 -27.18
N PRO B 407 5.63 2.55 -27.02
CA PRO B 407 6.96 1.97 -26.89
C PRO B 407 7.21 1.47 -25.47
N GLU B 408 6.69 2.23 -24.49
CA GLU B 408 6.74 1.90 -23.06
C GLU B 408 6.10 0.56 -22.70
N TYR B 409 5.24 0.07 -23.60
CA TYR B 409 4.59 -1.24 -23.44
C TYR B 409 4.92 -2.18 -24.59
N ALA B 410 6.12 -2.01 -25.16
CA ALA B 410 6.64 -2.87 -26.22
C ALA B 410 7.40 -4.04 -25.59
N VAL B 411 6.80 -4.64 -24.57
CA VAL B 411 7.47 -5.61 -23.72
C VAL B 411 6.57 -6.79 -23.32
N MET B 412 7.19 -7.97 -23.24
CA MET B 412 6.48 -9.18 -22.83
C MET B 412 6.86 -9.60 -21.40
N LEU B 413 5.85 -9.80 -20.56
CA LEU B 413 6.04 -10.26 -19.19
C LEU B 413 5.69 -11.75 -19.09
N CYS B 414 6.67 -12.60 -19.37
CA CYS B 414 6.39 -14.04 -19.47
C CYS B 414 7.27 -14.94 -18.60
N PHE B 415 6.69 -16.06 -18.15
CA PHE B 415 7.43 -17.04 -17.34
C PHE B 415 6.89 -18.45 -17.51
N ASP B 416 7.76 -19.43 -17.25
CA ASP B 416 7.37 -20.84 -17.17
C ASP B 416 7.06 -21.43 -18.55
N VAL B 417 6.08 -20.84 -19.24
CA VAL B 417 5.67 -21.31 -20.56
C VAL B 417 6.80 -21.19 -21.59
N LYS B 418 6.94 -22.22 -22.43
CA LYS B 418 7.94 -22.25 -23.49
C LYS B 418 7.70 -21.15 -24.52
N VAL B 419 8.80 -20.55 -24.98
CA VAL B 419 8.73 -19.47 -25.97
C VAL B 419 9.13 -19.99 -27.34
N ASP B 420 8.36 -19.61 -28.37
CA ASP B 420 8.67 -19.98 -29.74
C ASP B 420 10.01 -19.43 -30.17
N LYS B 421 10.75 -20.25 -30.92
CA LYS B 421 12.04 -19.88 -31.50
C LYS B 421 11.86 -18.77 -32.53
N GLU B 422 10.81 -18.88 -33.35
CA GLU B 422 10.47 -17.84 -34.32
C GLU B 422 9.87 -16.60 -33.68
N ALA B 423 9.14 -16.78 -32.57
CA ALA B 423 8.57 -15.66 -31.82
C ALA B 423 9.65 -14.82 -31.15
N GLU B 424 10.65 -15.50 -30.57
CA GLU B 424 11.80 -14.85 -29.95
C GLU B 424 12.70 -14.22 -31.01
N GLN B 425 12.87 -14.91 -32.14
CA GLN B 425 13.48 -14.31 -33.34
C GLN B 425 12.70 -13.12 -33.90
N TYR B 426 11.37 -13.27 -33.96
CA TYR B 426 10.47 -12.18 -34.40
C TYR B 426 10.53 -11.03 -33.42
N ALA B 427 10.88 -11.37 -32.17
CA ALA B 427 11.17 -10.44 -31.06
C ALA B 427 12.52 -9.70 -31.08
N GLU B 428 13.65 -10.37 -31.34
CA GLU B 428 14.91 -9.64 -31.54
C GLU B 428 14.75 -8.67 -32.69
N GLN B 429 14.08 -9.14 -33.74
CA GLN B 429 13.79 -8.35 -34.93
C GLN B 429 13.18 -7.01 -34.56
N GLU B 430 12.00 -7.05 -33.92
CA GLU B 430 11.33 -5.84 -33.46
C GLU B 430 11.94 -5.35 -32.15
N GLY B 431 11.72 -4.07 -31.82
CA GLY B 431 12.20 -3.52 -30.56
C GLY B 431 11.31 -3.91 -29.41
N ILE B 432 11.32 -5.20 -29.06
CA ILE B 432 10.52 -5.73 -27.95
C ILE B 432 11.40 -6.35 -26.85
N LYS B 433 11.13 -5.96 -25.60
CA LYS B 433 11.88 -6.48 -24.44
C LYS B 433 11.15 -7.68 -23.83
N ILE B 434 11.79 -8.84 -23.88
CA ILE B 434 11.25 -10.04 -23.23
C ILE B 434 11.79 -10.18 -21.80
N PHE B 435 10.87 -10.11 -20.83
CA PHE B 435 11.17 -10.46 -19.44
C PHE B 435 10.73 -11.91 -19.20
N ASN B 436 11.65 -12.76 -18.79
CA ASN B 436 11.34 -14.16 -18.48
C ASN B 436 12.16 -14.72 -17.32
N ALA B 437 11.46 -15.04 -16.24
CA ALA B 437 12.05 -15.59 -15.01
C ALA B 437 10.96 -16.28 -14.17
N ASP B 438 11.38 -17.02 -13.15
CA ASP B 438 10.45 -17.92 -12.45
C ASP B 438 9.56 -17.28 -11.39
N VAL B 439 10.09 -16.31 -10.64
CA VAL B 439 9.37 -15.70 -9.51
C VAL B 439 8.75 -14.35 -9.86
N ILE B 440 7.53 -14.08 -9.36
CA ILE B 440 6.77 -12.86 -9.70
C ILE B 440 7.55 -11.56 -9.37
N TYR B 441 8.19 -11.52 -8.21
CA TYR B 441 9.05 -10.39 -7.83
C TYR B 441 10.26 -10.21 -8.74
N HIS B 442 10.75 -11.28 -9.37
CA HIS B 442 11.83 -11.20 -10.36
C HIS B 442 11.41 -10.48 -11.64
N LEU B 443 10.18 -10.71 -12.08
CA LEU B 443 9.63 -10.06 -13.27
C LEU B 443 9.53 -8.56 -13.04
N PHE B 444 8.82 -8.19 -11.97
CA PHE B 444 8.68 -6.81 -11.55
C PHE B 444 10.05 -6.12 -11.40
N ASP B 445 11.00 -6.79 -10.74
CA ASP B 445 12.34 -6.23 -10.53
C ASP B 445 13.13 -6.04 -11.83
N SER B 446 13.12 -7.05 -12.71
CA SER B 446 13.77 -6.92 -14.02
C SER B 446 13.11 -5.81 -14.82
N PHE B 447 11.79 -5.73 -14.70
CA PHE B 447 10.98 -4.76 -15.41
C PHE B 447 11.38 -3.32 -15.10
N THR B 448 11.30 -2.94 -13.83
CA THR B 448 11.64 -1.58 -13.37
C THR B 448 13.06 -1.17 -13.79
N ALA B 449 14.01 -2.10 -13.69
CA ALA B 449 15.40 -1.86 -14.07
C ALA B 449 15.53 -1.51 -15.56
N TYR B 450 14.90 -2.31 -16.41
CA TYR B 450 14.84 -1.98 -17.84
C TYR B 450 14.07 -0.69 -18.00
N GLN B 451 13.02 -0.52 -17.20
CA GLN B 451 12.21 0.69 -17.23
C GLN B 451 13.02 1.94 -16.85
N GLU B 452 13.81 1.83 -15.80
CA GLU B 452 14.59 2.97 -15.28
C GLU B 452 15.80 3.37 -16.14
N LYS B 453 16.55 2.37 -16.62
CA LYS B 453 17.78 2.62 -17.40
C LYS B 453 17.49 3.23 -18.76
N LEU B 454 16.46 2.69 -19.42
CA LEU B 454 15.95 3.21 -20.68
C LEU B 454 15.47 4.63 -20.41
N LEU B 455 14.87 4.83 -19.23
CA LEU B 455 14.46 6.15 -18.78
C LEU B 455 15.68 7.08 -18.66
N GLU B 456 16.78 6.54 -18.15
CA GLU B 456 18.03 7.30 -18.04
C GLU B 456 18.67 7.56 -19.42
N GLU B 457 18.65 6.54 -20.27
CA GLU B 457 19.19 6.59 -21.63
C GLU B 457 18.41 7.62 -22.45
N ARG B 458 17.10 7.63 -22.19
CA ARG B 458 16.15 8.65 -22.64
C ARG B 458 16.41 9.99 -21.95
N ARG B 459 16.99 9.95 -20.74
CA ARG B 459 17.49 11.18 -20.11
C ARG B 459 18.68 11.71 -20.90
N LYS B 460 19.59 10.82 -21.28
CA LYS B 460 20.75 11.15 -22.12
C LYS B 460 20.28 11.54 -23.53
N ASP B 461 19.28 10.81 -24.02
CA ASP B 461 18.64 11.10 -25.30
C ASP B 461 18.03 12.49 -25.24
N PHE B 462 17.48 12.83 -24.07
CA PHE B 462 16.89 14.13 -23.78
C PHE B 462 17.92 15.26 -23.74
N LEU B 463 19.12 14.96 -23.28
CA LEU B 463 20.21 15.92 -23.34
C LEU B 463 20.40 16.27 -24.81
N ASP B 464 20.32 15.24 -25.64
CA ASP B 464 20.29 15.41 -27.07
C ASP B 464 19.01 16.13 -27.46
N TYR B 465 17.92 15.82 -26.77
CA TYR B 465 16.62 16.39 -27.09
C TYR B 465 16.67 17.92 -27.05
N ALA B 466 15.99 18.51 -28.03
CA ALA B 466 16.03 19.95 -28.27
C ALA B 466 15.34 20.77 -27.19
N ILE B 467 15.81 22.00 -27.02
CA ILE B 467 15.21 22.91 -26.06
C ILE B 467 14.94 24.26 -26.74
N PHE B 468 14.09 25.09 -26.15
CA PHE B 468 13.72 26.35 -26.76
C PHE B 468 13.19 27.33 -25.74
N PRO B 469 13.55 28.62 -25.93
CA PRO B 469 13.19 29.68 -24.99
C PRO B 469 11.70 30.01 -25.00
N CYS B 470 11.15 30.30 -23.83
CA CYS B 470 9.82 30.83 -23.75
C CYS B 470 9.56 31.35 -22.39
N VAL B 471 8.51 32.13 -22.29
CA VAL B 471 8.18 32.78 -21.07
C VAL B 471 6.68 32.73 -20.96
N LEU B 472 6.21 32.36 -19.79
CA LEU B 472 4.83 31.98 -19.62
C LEU B 472 4.26 32.72 -18.46
N GLN B 473 3.08 33.27 -18.66
CA GLN B 473 2.32 33.85 -17.59
C GLN B 473 1.22 32.89 -17.18
N THR B 474 1.14 32.61 -15.88
CA THR B 474 0.15 31.70 -15.35
C THR B 474 -1.21 32.35 -15.34
N LEU B 475 -2.15 31.72 -16.04
CA LEU B 475 -3.54 32.12 -16.02
C LEU B 475 -4.19 31.52 -14.77
N GLN B 476 -4.07 30.21 -14.63
CA GLN B 476 -4.56 29.54 -13.43
C GLN B 476 -3.96 28.14 -13.25
N ILE B 477 -3.88 27.76 -11.99
CA ILE B 477 -3.43 26.45 -11.61
C ILE B 477 -4.62 25.53 -11.76
N ILE B 478 -4.45 24.49 -12.55
CA ILE B 478 -5.55 23.58 -12.85
C ILE B 478 -5.52 22.42 -11.87
N ASN B 479 -4.30 21.99 -11.54
CA ASN B 479 -4.07 20.96 -10.58
C ASN B 479 -2.76 21.25 -9.88
N LYS B 480 -2.80 21.30 -8.55
CA LYS B 480 -1.63 21.67 -7.74
C LYS B 480 -0.56 20.58 -7.57
N ARG B 481 -0.97 19.33 -7.46
CA ARG B 481 -0.11 18.27 -6.94
C ARG B 481 -0.38 17.00 -7.73
N GLY B 482 0.46 15.99 -7.54
CA GLY B 482 0.37 14.78 -8.34
C GLY B 482 0.80 15.27 -9.70
N PRO B 483 -0.01 14.99 -10.74
CA PRO B 483 0.23 15.72 -12.00
C PRO B 483 0.08 17.21 -11.73
N MET B 484 1.11 18.01 -11.96
CA MET B 484 0.96 19.46 -11.80
C MET B 484 0.55 20.06 -13.14
N ILE B 485 -0.62 20.70 -13.12
CA ILE B 485 -1.21 21.22 -14.34
C ILE B 485 -1.50 22.73 -14.26
N ILE B 486 -0.80 23.46 -15.13
CA ILE B 486 -0.84 24.89 -15.18
C ILE B 486 -1.51 25.41 -16.45
N GLY B 487 -2.38 26.38 -16.28
CA GLY B 487 -2.95 27.11 -17.40
C GLY B 487 -2.07 28.33 -17.58
N VAL B 488 -1.53 28.49 -18.79
CA VAL B 488 -0.61 29.58 -19.08
C VAL B 488 -1.01 30.29 -20.34
N ASP B 489 -0.43 31.47 -20.53
CA ASP B 489 -0.36 32.18 -21.80
C ASP B 489 1.12 32.14 -22.19
N VAL B 490 1.44 31.78 -23.42
CA VAL B 490 2.81 31.80 -23.86
C VAL B 490 3.07 33.25 -24.18
N LEU B 491 3.83 33.92 -23.33
CA LEU B 491 4.15 35.34 -23.49
C LEU B 491 5.15 35.57 -24.60
N GLU B 492 6.16 34.71 -24.66
CA GLU B 492 7.26 34.94 -25.59
C GLU B 492 7.85 33.59 -25.96
N GLY B 493 8.29 33.45 -27.20
CA GLY B 493 9.03 32.26 -27.60
C GLY B 493 8.11 31.12 -27.94
N THR B 494 8.58 29.90 -27.74
CA THR B 494 7.78 28.74 -28.05
C THR B 494 7.81 27.75 -26.90
N LEU B 495 6.63 27.33 -26.48
CA LEU B 495 6.47 26.24 -25.50
C LEU B 495 6.24 24.95 -26.26
N ARG B 496 7.07 23.96 -25.99
CA ARG B 496 6.83 22.65 -26.59
C ARG B 496 6.99 21.51 -25.61
N VAL B 497 6.47 20.36 -26.00
CA VAL B 497 6.54 19.19 -25.13
C VAL B 497 8.00 18.92 -24.80
N GLY B 498 8.29 18.62 -23.53
CA GLY B 498 9.64 18.31 -23.11
C GLY B 498 10.46 19.51 -22.66
N THR B 499 10.04 20.71 -23.05
CA THR B 499 10.52 21.94 -22.41
C THR B 499 10.32 21.84 -20.89
N PRO B 500 11.42 21.96 -20.12
CA PRO B 500 11.36 22.01 -18.66
C PRO B 500 10.86 23.38 -18.22
N ILE B 501 9.78 23.39 -17.45
CA ILE B 501 9.26 24.64 -16.91
C ILE B 501 9.92 24.94 -15.58
N CYS B 502 10.17 26.23 -15.35
CA CYS B 502 10.72 26.63 -14.08
C CYS B 502 10.40 28.08 -13.72
N ALA B 503 10.56 28.37 -12.42
CA ALA B 503 10.45 29.71 -11.88
C ALA B 503 11.84 30.18 -11.51
N VAL B 504 12.01 31.49 -11.32
CA VAL B 504 13.24 32.04 -10.73
C VAL B 504 12.88 32.93 -9.54
N LYS B 505 13.39 32.57 -8.37
CA LYS B 505 13.12 33.34 -7.15
C LYS B 505 14.40 33.76 -6.46
N THR B 506 14.44 35.01 -6.01
CA THR B 506 15.63 35.59 -5.40
C THR B 506 15.32 36.35 -4.10
N ASP B 507 16.29 36.38 -3.19
CA ASP B 507 16.16 37.15 -1.95
C ASP B 507 17.01 38.41 -1.97
N PRO B 508 16.42 39.58 -1.66
CA PRO B 508 17.11 40.88 -1.72
C PRO B 508 18.35 40.88 -0.83
N THR B 509 18.15 40.43 0.40
CA THR B 509 19.24 40.29 1.37
C THR B 509 20.32 39.32 0.86
N THR B 510 19.90 38.18 0.31
CA THR B 510 20.85 37.19 -0.21
C THR B 510 21.66 37.69 -1.41
N LYS B 511 21.00 38.45 -2.28
CA LYS B 511 21.56 38.88 -3.58
C LYS B 511 21.91 37.65 -4.46
N GLU B 512 21.09 36.61 -4.32
CA GLU B 512 21.27 35.37 -5.09
C GLU B 512 20.00 34.91 -5.80
N ARG B 513 20.18 34.42 -7.02
CA ARG B 513 19.11 33.83 -7.83
C ARG B 513 19.20 32.33 -7.73
N GLN B 514 18.11 31.70 -7.27
CA GLN B 514 18.00 30.25 -7.28
C GLN B 514 16.91 29.85 -8.25
N THR B 515 17.23 28.96 -9.16
CA THR B 515 16.29 28.46 -10.15
C THR B 515 15.52 27.24 -9.65
N LEU B 516 14.20 27.31 -9.78
CA LEU B 516 13.31 26.26 -9.36
C LEU B 516 12.57 25.64 -10.54
N ILE B 517 12.67 24.31 -10.62
CA ILE B 517 12.11 23.50 -11.72
C ILE B 517 10.84 22.81 -11.29
N LEU B 518 9.81 22.97 -12.10
CA LEU B 518 8.51 22.40 -11.81
C LEU B 518 8.35 21.03 -12.47
N GLY B 519 9.09 20.81 -13.54
CA GLY B 519 8.91 19.61 -14.36
C GLY B 519 9.08 19.84 -15.83
N LYS B 520 9.05 18.75 -16.59
CA LYS B 520 9.12 18.83 -18.05
C LYS B 520 7.74 18.62 -18.65
N VAL B 521 7.41 19.41 -19.65
CA VAL B 521 6.07 19.37 -20.21
C VAL B 521 5.74 18.01 -20.80
N ILE B 522 4.74 17.34 -20.25
CA ILE B 522 4.26 16.10 -20.85
C ILE B 522 3.25 16.32 -21.98
N SER B 523 2.29 17.21 -21.72
CA SER B 523 1.14 17.45 -22.61
C SER B 523 0.82 18.92 -22.73
N LEU B 524 0.39 19.31 -23.93
CA LEU B 524 -0.14 20.66 -24.16
C LEU B 524 -1.53 20.54 -24.81
N GLU B 525 -2.54 21.09 -24.14
CA GLU B 525 -3.91 21.07 -24.66
C GLU B 525 -4.52 22.45 -24.65
N ILE B 526 -5.15 22.81 -25.77
CA ILE B 526 -5.89 24.03 -25.85
C ILE B 526 -7.30 23.53 -25.98
N ASN B 527 -8.15 23.87 -25.04
CA ASN B 527 -9.54 23.43 -25.06
C ASN B 527 -9.67 21.93 -25.27
N HIS B 528 -8.89 21.17 -24.53
CA HIS B 528 -8.85 19.69 -24.62
C HIS B 528 -8.42 19.24 -25.98
N GLN B 529 -7.56 20.03 -26.63
CA GLN B 529 -7.08 19.70 -27.94
C GLN B 529 -5.61 19.53 -27.82
N PRO B 530 -5.13 18.31 -28.12
CA PRO B 530 -3.73 18.04 -27.91
C PRO B 530 -2.94 18.72 -29.02
N VAL B 531 -1.72 19.11 -28.71
CA VAL B 531 -1.05 20.10 -29.52
C VAL B 531 0.40 19.85 -29.18
N GLN B 532 1.24 19.88 -30.22
CA GLN B 532 2.63 19.52 -30.04
C GLN B 532 3.53 20.67 -29.61
N GLU B 533 3.14 21.88 -29.96
CA GLU B 533 3.89 23.10 -29.61
C GLU B 533 3.02 24.35 -29.72
N VAL B 534 3.22 25.31 -28.81
CA VAL B 534 2.48 26.59 -28.85
C VAL B 534 3.39 27.83 -28.89
N LYS B 535 3.27 28.62 -29.95
CA LYS B 535 4.02 29.90 -30.05
C LYS B 535 3.28 31.12 -29.49
N LYS B 536 4.01 32.20 -29.27
CA LYS B 536 3.42 33.44 -28.77
C LYS B 536 2.32 33.77 -29.74
N GLY B 537 1.21 34.27 -29.19
CA GLY B 537 0.01 34.59 -29.98
C GLY B 537 -0.69 33.54 -30.81
N GLN B 538 -0.35 32.26 -30.64
CA GLN B 538 -0.98 31.18 -31.38
C GLN B 538 -2.47 30.92 -31.03
N THR B 539 -2.81 30.99 -29.73
CA THR B 539 -4.20 30.81 -29.28
C THR B 539 -4.51 31.81 -28.17
N ALA B 540 -5.77 32.25 -28.09
CA ALA B 540 -6.18 33.18 -27.05
C ALA B 540 -7.02 32.48 -26.01
N ALA B 541 -6.88 31.16 -25.99
CA ALA B 541 -7.64 30.31 -25.13
C ALA B 541 -6.89 30.08 -23.83
N GLY B 542 -5.57 30.19 -23.87
CA GLY B 542 -4.81 29.66 -22.77
C GLY B 542 -4.46 28.22 -23.12
N VAL B 543 -3.38 27.70 -22.53
CA VAL B 543 -2.97 26.33 -22.78
C VAL B 543 -2.82 25.60 -21.46
N ALA B 544 -3.40 24.41 -21.40
CA ALA B 544 -3.24 23.58 -20.24
C ALA B 544 -1.95 22.75 -20.36
N VAL B 545 -1.07 22.95 -19.38
CA VAL B 545 0.25 22.38 -19.38
C VAL B 545 0.37 21.37 -18.24
N ARG B 546 0.48 20.10 -18.61
CA ARG B 546 0.73 19.01 -17.67
C ARG B 546 2.22 18.82 -17.54
N LEU B 547 2.68 18.78 -16.30
CA LEU B 547 4.08 18.54 -16.08
C LEU B 547 4.35 17.20 -15.39
N GLU B 548 5.18 16.36 -16.03
CA GLU B 548 5.90 15.25 -15.37
C GLU B 548 6.74 15.72 -14.17
N ASP B 549 6.72 14.93 -13.08
CA ASP B 549 7.48 15.26 -11.88
C ASP B 549 8.99 15.28 -12.09
N PRO B 550 9.70 16.24 -11.47
CA PRO B 550 11.14 16.36 -11.69
C PRO B 550 11.94 15.41 -10.79
N SER B 551 13.17 15.12 -11.16
CA SER B 551 14.07 14.46 -10.21
C SER B 551 14.25 15.44 -9.02
N GLY B 552 14.22 14.93 -7.80
CA GLY B 552 14.17 15.81 -6.62
C GLY B 552 12.72 16.21 -6.34
N GLN B 553 12.50 16.94 -5.24
CA GLN B 553 11.16 17.43 -4.89
C GLN B 553 10.66 18.49 -5.85
N GLN B 554 9.36 18.48 -6.11
CA GLN B 554 8.74 19.52 -6.92
C GLN B 554 8.17 20.61 -6.02
N PRO B 555 8.52 21.87 -6.31
CA PRO B 555 8.01 23.00 -5.55
C PRO B 555 6.51 22.88 -5.24
N ILE B 556 6.13 23.41 -4.11
CA ILE B 556 4.75 23.33 -3.71
C ILE B 556 4.04 24.61 -4.08
N TRP B 557 2.99 24.47 -4.89
CA TRP B 557 2.15 25.59 -5.25
C TRP B 557 1.66 26.28 -4.00
N GLY B 558 1.60 27.61 -4.05
CA GLY B 558 1.24 28.40 -2.87
C GLY B 558 2.46 28.69 -2.02
N ARG B 559 3.08 27.66 -1.46
CA ARG B 559 4.29 27.81 -0.61
C ARG B 559 5.51 28.41 -1.33
N HIS B 560 5.82 27.87 -2.50
CA HIS B 560 7.10 28.16 -3.16
C HIS B 560 6.90 28.96 -4.39
N VAL B 561 5.91 28.54 -5.18
CA VAL B 561 5.63 29.02 -6.52
C VAL B 561 4.13 29.27 -6.57
N ASP B 562 3.71 30.42 -7.11
CA ASP B 562 2.27 30.71 -7.29
C ASP B 562 1.89 31.46 -8.59
N GLU B 563 0.60 31.77 -8.71
CA GLU B 563 0.01 32.45 -9.89
C GLU B 563 0.72 33.73 -10.30
N ASN B 564 1.46 34.31 -9.37
CA ASN B 564 2.14 35.56 -9.65
C ASN B 564 3.53 35.33 -10.21
N ASP B 565 4.07 34.12 -10.04
CA ASP B 565 5.43 33.79 -10.53
C ASP B 565 5.59 33.52 -12.03
N THR B 566 6.44 34.30 -12.70
CA THR B 566 6.69 34.12 -14.14
C THR B 566 7.51 32.84 -14.40
N LEU B 567 7.04 32.05 -15.34
CA LEU B 567 7.64 30.75 -15.58
C LEU B 567 8.43 30.79 -16.88
N TYR B 568 9.54 30.07 -16.88
CA TYR B 568 10.47 30.11 -17.99
C TYR B 568 10.82 28.71 -18.41
N SER B 569 11.23 28.62 -19.67
CA SER B 569 11.86 27.42 -20.10
C SER B 569 13.18 27.44 -19.36
N LEU B 570 13.60 26.28 -18.87
CA LEU B 570 14.87 26.20 -18.18
C LEU B 570 16.00 26.33 -19.20
N VAL B 571 16.73 27.42 -19.14
CA VAL B 571 17.98 27.49 -19.92
C VAL B 571 19.25 27.58 -19.06
N SER B 572 20.28 26.90 -19.55
CA SER B 572 21.55 26.71 -18.85
C SER B 572 22.64 26.77 -19.89
N ARG B 573 23.89 26.76 -19.44
CA ARG B 573 24.99 26.76 -20.39
C ARG B 573 24.84 25.55 -21.31
N ARG B 574 24.49 24.41 -20.72
CA ARG B 574 24.32 23.16 -21.45
C ARG B 574 23.20 23.28 -22.48
N SER B 575 22.07 23.82 -22.01
CA SER B 575 20.88 24.08 -22.83
C SER B 575 21.26 24.89 -24.07
N ILE B 576 22.02 25.96 -23.84
CA ILE B 576 22.41 26.86 -24.91
C ILE B 576 23.38 26.23 -25.91
N ASP B 577 24.33 25.45 -25.41
CA ASP B 577 25.32 24.79 -26.28
C ASP B 577 24.66 23.85 -27.28
N THR B 578 23.71 23.06 -26.80
CA THR B 578 23.00 22.09 -27.64
C THR B 578 22.31 22.76 -28.83
N LEU B 579 21.99 24.06 -28.69
CA LEU B 579 21.37 24.83 -29.79
C LEU B 579 22.40 25.30 -30.82
N LYS B 580 23.67 25.22 -30.45
CA LYS B 580 24.76 25.63 -31.31
C LYS B 580 25.36 24.50 -32.16
N ASP B 581 24.98 23.26 -31.88
CA ASP B 581 25.38 22.14 -32.74
C ASP B 581 24.78 22.28 -34.13
N LYS B 582 25.47 21.67 -35.09
CA LYS B 582 25.02 21.59 -36.47
C LYS B 582 23.54 21.18 -36.55
N ALA B 583 23.20 20.11 -35.82
CA ALA B 583 21.85 19.56 -35.82
C ALA B 583 20.80 20.60 -35.41
N PHE B 584 21.12 21.40 -34.39
CA PHE B 584 20.14 22.31 -33.82
C PHE B 584 20.26 23.75 -34.26
N ARG B 585 21.37 24.08 -34.92
CA ARG B 585 21.64 25.47 -35.28
C ARG B 585 20.61 26.03 -36.24
N ASP B 586 20.24 25.20 -37.22
CA ASP B 586 19.32 25.54 -38.30
C ASP B 586 17.89 25.82 -37.85
N GLN B 587 17.39 24.99 -36.94
CA GLN B 587 16.00 25.05 -36.48
C GLN B 587 15.67 26.34 -35.72
N VAL B 588 16.64 26.89 -35.01
CA VAL B 588 16.40 28.05 -34.15
C VAL B 588 16.22 29.31 -34.98
N ALA B 589 15.26 30.15 -34.62
CA ALA B 589 15.05 31.43 -35.28
C ALA B 589 15.84 32.55 -34.62
N ARG B 590 15.95 33.70 -35.30
CA ARG B 590 16.67 34.86 -34.77
C ARG B 590 15.99 35.41 -33.54
N SER B 591 14.66 35.42 -33.58
CA SER B 591 13.85 35.94 -32.48
C SER B 591 14.17 35.21 -31.19
N ASP B 592 14.44 33.91 -31.33
CA ASP B 592 14.65 33.04 -30.18
C ASP B 592 16.07 33.13 -29.62
N TRP B 593 17.03 33.53 -30.45
CA TRP B 593 18.37 33.88 -29.97
C TRP B 593 18.32 35.13 -29.12
N LEU B 594 17.52 36.09 -29.57
CA LEU B 594 17.30 37.31 -28.83
C LEU B 594 16.63 37.05 -27.49
N LEU B 595 15.65 36.12 -27.49
CA LEU B 595 14.94 35.80 -26.25
C LEU B 595 15.91 35.13 -25.28
N LEU B 596 16.76 34.24 -25.80
CA LEU B 596 17.72 33.56 -24.97
C LEU B 596 18.66 34.57 -24.28
N LYS B 597 19.08 35.59 -25.03
CA LYS B 597 19.90 36.67 -24.49
C LYS B 597 19.34 37.22 -23.16
N LYS B 598 18.04 37.51 -23.13
CA LYS B 598 17.40 38.06 -21.93
C LYS B 598 17.31 37.05 -20.80
N LEU B 599 17.04 35.80 -21.13
CA LEU B 599 16.90 34.76 -20.12
C LEU B 599 18.20 34.51 -19.41
N LYS B 600 19.32 34.58 -20.15
CA LYS B 600 20.62 34.44 -19.52
C LYS B 600 20.75 35.39 -18.34
N VAL B 601 20.29 36.61 -18.52
CA VAL B 601 20.26 37.63 -17.45
C VAL B 601 19.38 37.15 -16.29
N VAL B 602 18.23 36.57 -16.62
CA VAL B 602 17.29 36.10 -15.61
C VAL B 602 17.87 34.90 -14.85
N PHE B 603 18.59 34.05 -15.58
CA PHE B 603 19.13 32.88 -14.94
C PHE B 603 20.53 33.07 -14.36
N GLY B 604 21.09 34.26 -14.53
CA GLY B 604 22.44 34.58 -14.09
C GLY B 604 23.53 33.81 -14.82
N ILE B 605 23.33 33.63 -16.12
CA ILE B 605 24.30 32.93 -16.97
C ILE B 605 25.14 33.97 -17.74
N GLU B 606 26.47 33.83 -17.69
CA GLU B 606 27.35 34.68 -18.49
C GLU B 606 27.38 34.21 -19.95
N GLY C 121 42.33 4.73 0.29
CA GLY C 121 43.27 3.93 1.11
C GLY C 121 42.54 3.26 2.25
N GLU C 122 42.06 2.05 2.02
CA GLU C 122 41.24 1.41 3.04
C GLU C 122 40.01 2.27 3.33
N ASP C 123 39.26 2.59 2.29
CA ASP C 123 38.21 3.64 2.31
C ASP C 123 37.05 3.50 3.31
N GLU C 124 36.40 2.35 3.38
CA GLU C 124 35.51 2.08 4.51
C GLU C 124 36.35 1.94 5.78
N GLU C 125 35.74 2.03 6.96
CA GLU C 125 34.31 2.23 7.10
C GLU C 125 34.07 2.86 8.46
N LEU C 126 33.23 3.89 8.54
CA LEU C 126 33.12 4.68 9.75
C LEU C 126 31.71 5.22 9.94
N ASP C 127 31.35 5.50 11.20
CA ASP C 127 30.04 6.02 11.52
C ASP C 127 30.07 7.52 11.75
N ILE C 128 28.92 8.09 12.12
CA ILE C 128 28.80 9.52 12.36
C ILE C 128 28.22 9.80 13.74
N ASP C 129 27.89 8.73 14.47
CA ASP C 129 27.32 8.87 15.79
C ASP C 129 28.40 8.83 16.86
N ASP C 130 29.53 8.22 16.54
CA ASP C 130 30.65 8.10 17.47
C ASP C 130 31.29 9.47 17.73
N ILE C 131 31.18 10.37 16.75
CA ILE C 131 31.72 11.71 16.90
C ILE C 131 30.79 12.74 16.27
#